data_2WHD
#
_entry.id   2WHD
#
_cell.length_a   133.672
_cell.length_b   133.672
_cell.length_c   166.058
_cell.angle_alpha   90.00
_cell.angle_beta   90.00
_cell.angle_gamma   120.00
#
_symmetry.space_group_name_H-M   'P 62 2 2'
#
loop_
_entity.id
_entity.type
_entity.pdbx_description
1 polymer 'THIOREDOXIN REDUCTASE'
2 non-polymer 'FLAVIN-ADENINE DINUCLEOTIDE'
3 non-polymer 'CITRATE ANION'
4 water water
#
_entity_poly.entity_id   1
_entity_poly.type   'polypeptide(L)'
_entity_poly.pdbx_seq_one_letter_code
;MGSSHHHHHHSSGLVPRGSHMEGSAAAPLRTRVCIIGSGPAAHTAAIYAARAELKPVLFEGWMANDIAAGGQLTTTTDVE
NFPGFPTGIMGIDLMDNCRAQSVRFGTNILSETVTEVDFSARPFRVTSDSTTVLADTVVVATGAVARRLYFSGSDTYWNR
GISACAVCDGAAPIFRNKPIAVIGGGDSAMEEGNFLTKYGSQVYIIHRRNTFRASKIMQARALSNPKIQVVWDSEVVEAY
GGAGGGPLAGVKVKNLVTGEVSDLQVSGLFFAIGHEPATKFLNGQLELHADGYVATKPGSTHTSVEGVFAAGDVQDKKYR
QAITAAGSGCMAALDAEHYLQEVGAQVGKSD
;
_entity_poly.pdbx_strand_id   A,B
#
loop_
_chem_comp.id
_chem_comp.type
_chem_comp.name
_chem_comp.formula
FAD non-polymer 'FLAVIN-ADENINE DINUCLEOTIDE' 'C27 H33 N9 O15 P2'
FLC non-polymer 'CITRATE ANION' 'C6 H5 O7 -3'
#
# COMPACT_ATOMS: atom_id res chain seq x y z
N ALA A 26 -13.77 4.71 29.99
CA ALA A 26 -14.20 4.76 31.39
C ALA A 26 -14.01 3.40 32.08
N ALA A 27 -13.88 2.35 31.29
CA ALA A 27 -13.51 1.03 31.81
C ALA A 27 -12.13 0.61 31.27
N PRO A 28 -11.06 1.28 31.77
CA PRO A 28 -9.68 1.10 31.32
C PRO A 28 -9.06 -0.14 31.90
N LEU A 29 -8.42 -0.94 31.07
CA LEU A 29 -7.63 -2.06 31.57
C LEU A 29 -6.39 -1.48 32.21
N ARG A 30 -6.02 -2.02 33.35
CA ARG A 30 -4.80 -1.62 34.02
C ARG A 30 -3.80 -2.75 33.95
N THR A 31 -2.55 -2.43 33.60
CA THR A 31 -1.52 -3.44 33.51
C THR A 31 -0.18 -2.85 33.88
N ARG A 32 0.71 -3.69 34.41
CA ARG A 32 2.09 -3.27 34.67
C ARG A 32 2.86 -2.96 33.38
N VAL A 33 2.54 -3.69 32.31
CA VAL A 33 3.28 -3.63 31.06
C VAL A 33 2.30 -3.66 29.85
N CYS A 34 2.28 -2.59 29.04
CA CYS A 34 1.50 -2.63 27.81
C CYS A 34 2.44 -2.69 26.60
N ILE A 35 2.26 -3.69 25.75
CA ILE A 35 3.13 -3.88 24.59
C ILE A 35 2.41 -3.50 23.32
N ILE A 36 3.03 -2.64 22.51
CA ILE A 36 2.42 -2.20 21.27
C ILE A 36 3.14 -2.78 20.07
N GLY A 37 2.45 -3.60 19.29
CA GLY A 37 3.05 -4.33 18.16
C GLY A 37 2.96 -5.84 18.29
N SER A 38 3.31 -6.56 17.21
CA SER A 38 3.10 -8.01 17.21
C SER A 38 4.12 -8.80 16.42
N GLY A 39 5.34 -8.28 16.28
CA GLY A 39 6.42 -9.06 15.67
C GLY A 39 7.20 -9.83 16.71
N PRO A 40 8.39 -10.33 16.32
CA PRO A 40 9.26 -11.09 17.24
C PRO A 40 9.59 -10.30 18.53
N ALA A 41 9.82 -9.00 18.41
CA ALA A 41 10.19 -8.18 19.56
C ALA A 41 9.05 -8.13 20.57
N ALA A 42 7.89 -7.70 20.09
CA ALA A 42 6.71 -7.58 20.92
C ALA A 42 6.44 -8.92 21.62
N HIS A 43 6.41 -10.00 20.84
CA HIS A 43 6.07 -11.31 21.42
C HIS A 43 7.15 -11.81 22.38
N THR A 44 8.42 -11.60 22.07
CA THR A 44 9.43 -12.02 23.06
C THR A 44 9.27 -11.21 24.34
N ALA A 45 8.95 -9.92 24.18
CA ALA A 45 8.66 -9.11 25.34
C ALA A 45 7.48 -9.65 26.14
N ALA A 46 6.41 -10.03 25.42
CA ALA A 46 5.22 -10.62 26.07
C ALA A 46 5.53 -11.92 26.82
N ILE A 47 6.27 -12.80 26.16
CA ILE A 47 6.69 -14.04 26.80
C ILE A 47 7.41 -13.80 28.12
N TYR A 48 8.42 -12.91 28.14
CA TYR A 48 9.13 -12.59 29.40
C TYR A 48 8.30 -11.81 30.43
N ALA A 49 7.54 -10.82 29.98
CA ALA A 49 6.67 -10.07 30.90
C ALA A 49 5.61 -11.00 31.52
N ALA A 50 4.89 -11.74 30.69
CA ALA A 50 3.91 -12.68 31.22
C ALA A 50 4.55 -13.72 32.16
N ARG A 51 5.68 -14.32 31.78
CA ARG A 51 6.30 -15.32 32.64
C ARG A 51 6.76 -14.74 33.95
N ALA A 52 7.04 -13.43 33.95
CA ALA A 52 7.41 -12.76 35.20
C ALA A 52 6.18 -12.33 35.98
N GLU A 53 5.04 -12.86 35.55
CA GLU A 53 3.78 -12.61 36.20
C GLU A 53 3.36 -11.16 36.24
N LEU A 54 3.65 -10.43 35.15
CA LEU A 54 3.30 -9.02 35.07
C LEU A 54 1.99 -8.82 34.32
N LYS A 55 1.44 -9.91 33.79
CA LYS A 55 0.16 -9.85 33.09
C LYS A 55 0.14 -8.77 32.03
N PRO A 56 0.94 -8.93 30.97
CA PRO A 56 1.01 -7.87 29.97
C PRO A 56 -0.20 -7.84 29.08
N VAL A 57 -0.59 -6.64 28.65
CA VAL A 57 -1.57 -6.47 27.59
C VAL A 57 -0.84 -6.09 26.32
N LEU A 58 -1.06 -6.87 25.28
CA LEU A 58 -0.40 -6.64 23.99
C LEU A 58 -1.42 -6.27 22.93
N PHE A 59 -1.15 -5.18 22.22
CA PHE A 59 -1.94 -4.79 21.03
C PHE A 59 -1.25 -5.33 19.78
N GLU A 60 -1.83 -6.34 19.16
CA GLU A 60 -1.18 -6.98 18.02
C GLU A 60 -1.56 -6.29 16.71
N GLY A 61 -2.39 -5.26 16.81
CA GLY A 61 -2.87 -4.54 15.64
C GLY A 61 -4.02 -5.27 14.95
N TRP A 62 -4.77 -4.57 14.11
CA TRP A 62 -5.65 -5.22 13.14
C TRP A 62 -5.19 -4.78 11.78
N MET A 63 -4.30 -5.57 11.17
CA MET A 63 -3.57 -5.14 9.98
C MET A 63 -2.96 -3.75 10.18
N ALA A 64 -2.53 -3.44 11.40
CA ALA A 64 -1.91 -2.14 11.65
C ALA A 64 -0.79 -1.89 10.66
N ASN A 65 -0.85 -0.75 9.99
CA ASN A 65 0.22 -0.35 9.09
C ASN A 65 0.24 -1.20 7.82
N ASP A 66 -0.89 -1.86 7.53
CA ASP A 66 -1.03 -2.72 6.35
C ASP A 66 -0.08 -3.90 6.36
N ILE A 67 0.21 -4.36 7.56
CA ILE A 67 0.97 -5.57 7.79
C ILE A 67 0.14 -6.38 8.77
N ALA A 68 -0.06 -7.64 8.45
CA ALA A 68 -0.74 -8.54 9.39
C ALA A 68 -0.08 -8.54 10.78
N ALA A 69 -0.88 -8.80 11.81
CA ALA A 69 -0.32 -9.13 13.12
C ALA A 69 0.66 -10.27 12.92
N GLY A 70 1.79 -10.24 13.63
CA GLY A 70 2.83 -11.19 13.36
C GLY A 70 4.03 -10.50 12.77
N GLY A 71 3.76 -9.42 12.03
CA GLY A 71 4.83 -8.54 11.54
C GLY A 71 5.39 -8.95 10.21
N GLN A 72 6.54 -8.39 9.86
CA GLN A 72 7.09 -8.50 8.51
C GLN A 72 7.30 -9.93 8.08
N LEU A 73 7.71 -10.76 9.02
CA LEU A 73 7.89 -12.18 8.73
C LEU A 73 6.68 -12.84 8.03
N THR A 74 5.48 -12.34 8.25
CA THR A 74 4.31 -12.89 7.57
C THR A 74 4.35 -12.60 6.05
N THR A 75 5.21 -11.68 5.62
CA THR A 75 5.36 -11.34 4.20
C THR A 75 6.42 -12.14 3.48
N THR A 76 6.97 -13.15 4.16
CA THR A 76 7.95 -14.04 3.55
C THR A 76 7.60 -15.51 3.80
N THR A 77 8.26 -16.42 3.12
CA THR A 77 7.81 -17.80 3.03
C THR A 77 8.72 -18.78 3.74
N ASP A 78 9.96 -18.39 3.89
CA ASP A 78 10.97 -19.33 4.26
C ASP A 78 12.04 -18.59 5.01
N VAL A 79 12.04 -18.79 6.32
CA VAL A 79 13.00 -18.18 7.23
C VAL A 79 13.99 -19.26 7.61
N GLU A 80 15.26 -19.05 7.32
CA GLU A 80 16.24 -20.12 7.41
C GLU A 80 17.30 -19.81 8.46
N ASN A 81 17.35 -18.56 8.92
CA ASN A 81 18.41 -18.11 9.82
C ASN A 81 17.91 -17.71 11.21
N PHE A 82 16.75 -18.20 11.63
CA PHE A 82 16.29 -17.96 12.98
C PHE A 82 16.69 -19.21 13.75
N PRO A 83 17.60 -19.08 14.73
CA PRO A 83 18.26 -20.26 15.32
C PRO A 83 17.23 -21.18 15.97
N GLY A 84 17.37 -22.48 15.74
CA GLY A 84 16.49 -23.44 16.39
C GLY A 84 15.66 -24.24 15.41
N PHE A 85 15.77 -23.89 14.13
CA PHE A 85 14.96 -24.49 13.08
C PHE A 85 15.84 -24.97 11.95
N PRO A 86 16.43 -26.16 12.13
CA PRO A 86 17.43 -26.77 11.24
C PRO A 86 16.94 -26.89 9.80
N THR A 87 15.64 -26.80 9.60
CA THR A 87 15.09 -27.08 8.28
C THR A 87 14.42 -25.85 7.73
N GLY A 88 14.54 -24.78 8.51
CA GLY A 88 13.91 -23.54 8.16
C GLY A 88 12.48 -23.57 8.69
N ILE A 89 11.80 -22.47 8.52
CA ILE A 89 10.41 -22.39 8.94
C ILE A 89 9.77 -21.21 8.24
N MET A 90 8.52 -21.36 7.88
CA MET A 90 7.81 -20.27 7.24
C MET A 90 7.55 -19.16 8.25
N GLY A 91 7.70 -17.92 7.83
CA GLY A 91 7.44 -16.78 8.68
C GLY A 91 6.11 -16.88 9.40
N ILE A 92 5.03 -17.15 8.66
CA ILE A 92 3.71 -17.23 9.27
C ILE A 92 3.67 -18.26 10.41
N ASP A 93 4.30 -19.40 10.21
CA ASP A 93 4.28 -20.45 11.25
C ASP A 93 5.10 -20.06 12.45
N LEU A 94 6.23 -19.40 12.23
CA LEU A 94 7.09 -18.99 13.31
C LEU A 94 6.30 -18.00 14.16
N MET A 95 5.61 -17.07 13.51
CA MET A 95 4.90 -16.05 14.25
C MET A 95 3.62 -16.56 14.90
N ASP A 96 2.98 -17.55 14.29
CA ASP A 96 1.91 -18.29 14.94
C ASP A 96 2.42 -18.89 16.26
N ASN A 97 3.63 -19.44 16.24
CA ASN A 97 4.18 -20.04 17.42
C ASN A 97 4.43 -19.00 18.51
N CYS A 98 5.03 -17.87 18.14
CA CYS A 98 5.35 -16.83 19.11
C CYS A 98 4.10 -16.34 19.82
N ARG A 99 3.02 -16.14 19.07
CA ARG A 99 1.74 -15.72 19.64
C ARG A 99 1.11 -16.76 20.56
N ALA A 100 1.16 -18.03 20.14
CA ALA A 100 0.58 -19.09 20.95
C ALA A 100 1.36 -19.17 22.24
N GLN A 101 2.64 -18.86 22.14
CA GLN A 101 3.49 -18.89 23.31
C GLN A 101 3.16 -17.74 24.26
N SER A 102 2.96 -16.54 23.72
CA SER A 102 2.55 -15.36 24.50
C SER A 102 1.22 -15.60 25.19
N VAL A 103 0.28 -16.22 24.48
CA VAL A 103 -1.03 -16.46 25.05
C VAL A 103 -0.90 -17.48 26.16
N ARG A 104 -0.08 -18.49 25.91
CA ARG A 104 0.05 -19.59 26.86
C ARG A 104 0.48 -19.08 28.25
N PHE A 105 1.28 -18.03 28.30
CA PHE A 105 1.78 -17.51 29.57
C PHE A 105 0.96 -16.37 30.17
N GLY A 106 -0.21 -16.11 29.59
CA GLY A 106 -1.14 -15.17 30.18
C GLY A 106 -1.29 -13.84 29.48
N THR A 107 -0.54 -13.61 28.40
CA THR A 107 -0.68 -12.36 27.66
C THR A 107 -2.15 -12.15 27.24
N ASN A 108 -2.65 -10.94 27.44
CA ASN A 108 -3.97 -10.58 26.97
C ASN A 108 -3.76 -9.80 25.70
N ILE A 109 -4.18 -10.39 24.58
CA ILE A 109 -3.88 -9.83 23.28
C ILE A 109 -5.11 -9.19 22.69
N LEU A 110 -5.03 -7.89 22.44
CA LEU A 110 -6.11 -7.18 21.78
C LEU A 110 -5.77 -7.12 20.28
N SER A 111 -6.71 -7.56 19.45
CA SER A 111 -6.53 -7.53 18.01
C SER A 111 -6.93 -6.16 17.49
N GLU A 112 -6.31 -5.14 18.07
CA GLU A 112 -6.65 -3.77 17.78
C GLU A 112 -5.38 -2.94 17.56
N THR A 113 -5.52 -1.93 16.72
CA THR A 113 -4.46 -1.03 16.38
C THR A 113 -4.40 0.14 17.38
N VAL A 114 -3.21 0.50 17.82
CA VAL A 114 -3.09 1.65 18.71
C VAL A 114 -3.09 2.92 17.87
N THR A 115 -3.84 3.92 18.30
CA THR A 115 -4.00 5.14 17.51
C THR A 115 -3.40 6.35 18.19
N GLU A 116 -3.16 6.22 19.48
CA GLU A 116 -2.74 7.36 20.25
C GLU A 116 -2.17 6.88 21.57
N VAL A 117 -1.20 7.60 22.10
CA VAL A 117 -0.76 7.32 23.45
C VAL A 117 -0.66 8.61 24.21
N ASP A 118 -0.53 8.51 25.51
CA ASP A 118 -0.24 9.68 26.30
C ASP A 118 0.85 9.35 27.28
N PHE A 119 2.04 9.93 27.04
CA PHE A 119 3.23 9.59 27.81
C PHE A 119 3.57 10.72 28.76
N SER A 120 2.67 11.70 28.85
CA SER A 120 2.92 12.85 29.72
C SER A 120 2.56 12.57 31.17
N ALA A 121 1.78 11.52 31.40
CA ALA A 121 1.35 11.18 32.76
C ALA A 121 1.49 9.70 33.06
N ARG A 122 1.45 9.37 34.33
CA ARG A 122 1.51 7.98 34.76
C ARG A 122 0.35 7.63 35.68
N PRO A 123 -0.27 6.46 35.45
CA PRO A 123 0.15 5.48 34.44
C PRO A 123 -0.04 5.99 33.03
N PHE A 124 0.74 5.46 32.10
CA PHE A 124 0.64 5.83 30.71
C PHE A 124 -0.68 5.35 30.15
N ARG A 125 -1.20 6.10 29.20
CA ARG A 125 -2.46 5.77 28.57
C ARG A 125 -2.22 5.29 27.14
N VAL A 126 -2.71 4.09 26.83
CA VAL A 126 -2.64 3.55 25.47
C VAL A 126 -4.03 3.20 24.96
N THR A 127 -4.40 3.73 23.81
CA THR A 127 -5.77 3.53 23.32
C THR A 127 -5.84 3.12 21.87
N SER A 128 -6.82 2.28 21.59
CA SER A 128 -7.18 1.90 20.23
C SER A 128 -8.57 2.41 19.98
N ASP A 129 -9.13 2.13 18.82
CA ASP A 129 -10.54 2.43 18.57
C ASP A 129 -11.46 2.00 19.71
N SER A 130 -11.22 0.82 20.26
CA SER A 130 -12.20 0.21 21.15
C SER A 130 -11.75 0.16 22.59
N THR A 131 -10.45 0.25 22.82
CA THR A 131 -9.93 -0.02 24.15
C THR A 131 -8.96 1.03 24.70
N THR A 132 -8.99 1.19 26.02
CA THR A 132 -8.09 2.09 26.69
C THR A 132 -7.40 1.37 27.81
N VAL A 133 -6.07 1.44 27.80
CA VAL A 133 -5.25 0.76 28.78
C VAL A 133 -4.46 1.76 29.61
N LEU A 134 -4.45 1.57 30.93
CA LEU A 134 -3.59 2.35 31.78
C LEU A 134 -2.39 1.49 32.21
N ALA A 135 -1.21 1.87 31.73
CA ALA A 135 -0.03 1.05 31.85
C ALA A 135 1.10 1.73 32.64
N ASP A 136 1.74 0.95 33.50
CA ASP A 136 2.87 1.40 34.30
C ASP A 136 4.14 1.52 33.47
N THR A 137 4.28 0.64 32.49
CA THR A 137 5.28 0.76 31.45
C THR A 137 4.68 0.42 30.12
N VAL A 138 5.32 0.89 29.07
CA VAL A 138 4.93 0.57 27.71
C VAL A 138 6.16 0.15 26.91
N VAL A 139 6.04 -0.94 26.19
CA VAL A 139 7.05 -1.29 25.21
C VAL A 139 6.52 -1.00 23.79
N VAL A 140 7.11 0.00 23.13
CA VAL A 140 6.91 0.24 21.70
C VAL A 140 7.75 -0.70 20.85
N ALA A 141 7.06 -1.55 20.10
CA ALA A 141 7.69 -2.58 19.27
C ALA A 141 6.83 -2.75 18.00
N THR A 142 6.63 -1.63 17.29
CA THR A 142 5.73 -1.59 16.16
C THR A 142 6.47 -1.79 14.86
N GLY A 143 7.77 -1.90 14.94
CA GLY A 143 8.53 -2.33 13.78
C GLY A 143 8.66 -1.31 12.68
N ALA A 144 8.80 -1.83 11.46
CA ALA A 144 8.99 -0.96 10.31
C ALA A 144 8.46 -1.67 9.07
N VAL A 145 8.49 -1.00 7.94
CA VAL A 145 7.97 -1.57 6.70
C VAL A 145 8.85 -1.13 5.55
N ALA A 146 9.24 -2.05 4.68
CA ALA A 146 10.12 -1.70 3.59
C ALA A 146 9.42 -0.69 2.67
N ARG A 147 10.16 0.28 2.17
CA ARG A 147 9.59 1.35 1.38
C ARG A 147 9.56 0.88 -0.07
N ARG A 148 8.57 1.34 -0.83
CA ARG A 148 8.56 1.09 -2.27
C ARG A 148 8.07 2.34 -3.00
N LEU A 149 8.23 2.36 -4.33
CA LEU A 149 7.65 3.40 -5.15
C LEU A 149 6.40 2.85 -5.85
N TYR A 150 5.60 3.75 -6.43
CA TYR A 150 4.37 3.39 -7.08
C TYR A 150 4.26 3.92 -8.52
N PHE A 151 5.37 3.90 -9.24
CA PHE A 151 5.38 4.25 -10.65
C PHE A 151 4.57 3.23 -11.46
N SER A 152 4.13 3.65 -12.66
CA SER A 152 3.35 2.77 -13.54
C SER A 152 4.02 1.42 -13.78
N GLY A 153 3.26 0.36 -13.54
CA GLY A 153 3.80 -0.98 -13.73
C GLY A 153 4.24 -1.68 -12.46
N SER A 154 4.32 -0.93 -11.36
CA SER A 154 4.90 -1.48 -10.13
C SER A 154 4.00 -2.51 -9.44
N ASP A 155 2.69 -2.26 -9.36
CA ASP A 155 1.76 -3.28 -8.88
C ASP A 155 1.72 -4.44 -9.86
N THR A 156 1.67 -4.08 -11.13
CA THR A 156 1.49 -5.04 -12.21
C THR A 156 2.55 -6.15 -12.18
N TYR A 157 3.81 -5.74 -12.06
CA TYR A 157 4.90 -6.70 -12.10
C TYR A 157 5.43 -7.08 -10.72
N TRP A 158 4.64 -6.80 -9.69
CA TRP A 158 5.00 -7.25 -8.33
C TRP A 158 4.96 -8.78 -8.24
N ASN A 159 6.03 -9.38 -7.75
CA ASN A 159 6.18 -10.84 -7.74
C ASN A 159 6.30 -11.42 -9.14
N ARG A 160 6.22 -10.57 -10.15
CA ARG A 160 6.49 -11.02 -11.51
C ARG A 160 7.67 -10.25 -12.06
N GLY A 161 8.71 -10.12 -11.23
CA GLY A 161 9.94 -9.39 -11.57
C GLY A 161 10.37 -8.36 -10.54
N ILE A 162 9.41 -7.54 -10.08
CA ILE A 162 9.64 -6.51 -9.09
C ILE A 162 9.47 -7.05 -7.68
N SER A 163 10.25 -6.53 -6.75
CA SER A 163 10.24 -6.97 -5.37
C SER A 163 10.99 -5.98 -4.49
N ALA A 164 10.76 -6.07 -3.18
CA ALA A 164 11.45 -5.19 -2.26
C ALA A 164 12.45 -5.96 -1.41
N CYS A 165 12.73 -7.20 -1.81
CA CYS A 165 13.69 -8.03 -1.10
C CYS A 165 14.71 -8.73 -2.03
N ALA A 166 15.69 -7.96 -2.48
CA ALA A 166 16.74 -8.47 -3.35
C ALA A 166 17.32 -9.79 -2.84
N VAL A 167 17.47 -9.89 -1.52
CA VAL A 167 18.13 -11.06 -0.96
C VAL A 167 17.19 -12.24 -0.90
N CYS A 168 15.91 -11.96 -0.70
CA CYS A 168 14.87 -12.99 -0.75
C CYS A 168 14.84 -13.67 -2.09
N ASP A 169 14.86 -12.89 -3.17
CA ASP A 169 14.46 -13.40 -4.49
C ASP A 169 15.56 -13.48 -5.54
N GLY A 170 16.72 -12.90 -5.26
CA GLY A 170 17.78 -12.84 -6.25
C GLY A 170 18.16 -14.16 -6.90
N ALA A 171 18.29 -15.21 -6.09
CA ALA A 171 18.77 -16.48 -6.61
C ALA A 171 17.86 -16.99 -7.71
N ALA A 172 16.56 -16.80 -7.49
CA ALA A 172 15.48 -17.31 -8.35
C ALA A 172 15.82 -17.34 -9.85
N PRO A 173 15.30 -18.36 -10.56
CA PRO A 173 15.56 -18.63 -11.98
C PRO A 173 15.34 -17.41 -12.85
N ILE A 174 14.17 -16.79 -12.74
CA ILE A 174 13.79 -15.68 -13.60
C ILE A 174 14.91 -14.66 -13.80
N PHE A 175 15.76 -14.51 -12.79
CA PHE A 175 16.78 -13.47 -12.77
C PHE A 175 18.15 -13.96 -13.19
N ARG A 176 18.36 -15.26 -13.07
CA ARG A 176 19.65 -15.86 -13.38
C ARG A 176 20.17 -15.40 -14.74
N ASN A 177 21.38 -14.85 -14.73
CA ASN A 177 22.08 -14.46 -15.93
C ASN A 177 21.44 -13.32 -16.74
N LYS A 178 20.29 -12.81 -16.29
CA LYS A 178 19.61 -11.69 -16.94
C LYS A 178 20.00 -10.38 -16.24
N PRO A 179 19.64 -9.24 -16.84
CA PRO A 179 19.93 -7.96 -16.17
C PRO A 179 18.95 -7.65 -15.05
N ILE A 180 19.45 -7.05 -13.97
CA ILE A 180 18.65 -6.66 -12.81
C ILE A 180 18.82 -5.15 -12.59
N ALA A 181 17.80 -4.49 -12.06
CA ALA A 181 17.93 -3.10 -11.60
C ALA A 181 17.66 -3.02 -10.09
N VAL A 182 18.38 -2.12 -9.42
CA VAL A 182 18.16 -1.79 -8.02
C VAL A 182 17.94 -0.30 -7.91
N ILE A 183 16.90 0.13 -7.20
CA ILE A 183 16.67 1.54 -6.99
C ILE A 183 17.07 1.92 -5.57
N GLY A 184 17.82 3.01 -5.42
CA GLY A 184 18.21 3.46 -4.09
C GLY A 184 19.62 4.01 -4.04
N GLY A 185 19.97 4.68 -2.95
CA GLY A 185 21.29 5.26 -2.86
C GLY A 185 21.90 5.07 -1.49
N GLY A 186 21.39 4.11 -0.75
CA GLY A 186 21.90 3.90 0.58
C GLY A 186 22.95 2.80 0.63
N ASP A 187 23.35 2.44 1.84
CA ASP A 187 24.22 1.29 2.05
C ASP A 187 23.54 0.03 1.56
N SER A 188 22.23 -0.07 1.81
CA SER A 188 21.46 -1.23 1.39
C SER A 188 21.52 -1.42 -0.11
N ALA A 189 21.37 -0.31 -0.84
CA ALA A 189 21.41 -0.36 -2.29
C ALA A 189 22.77 -0.85 -2.77
N MET A 190 23.84 -0.28 -2.23
CA MET A 190 25.19 -0.76 -2.55
C MET A 190 25.34 -2.27 -2.27
N GLU A 191 24.96 -2.73 -1.08
CA GLU A 191 25.17 -4.14 -0.80
C GLU A 191 24.24 -5.09 -1.56
N GLU A 192 23.00 -4.70 -1.76
CA GLU A 192 22.08 -5.57 -2.50
C GLU A 192 22.50 -5.62 -3.97
N GLY A 193 23.11 -4.54 -4.44
CA GLY A 193 23.66 -4.49 -5.79
C GLY A 193 24.75 -5.53 -5.96
N ASN A 194 25.75 -5.48 -5.08
CA ASN A 194 26.79 -6.49 -5.09
C ASN A 194 26.20 -7.88 -5.01
N PHE A 195 25.42 -8.12 -3.98
CA PHE A 195 24.74 -9.41 -3.85
C PHE A 195 24.09 -9.89 -5.14
N LEU A 196 23.51 -8.97 -5.91
CA LEU A 196 22.81 -9.40 -7.11
C LEU A 196 23.75 -9.70 -8.27
N THR A 197 24.97 -9.15 -8.26
CA THR A 197 25.90 -9.46 -9.36
C THR A 197 26.42 -10.90 -9.30
N LYS A 198 26.11 -11.59 -8.21
CA LYS A 198 26.38 -13.02 -8.11
C LYS A 198 25.37 -13.86 -8.91
N TYR A 199 24.22 -13.28 -9.25
CA TYR A 199 23.19 -14.06 -9.94
C TYR A 199 22.85 -13.53 -11.32
N GLY A 200 22.94 -12.21 -11.47
CA GLY A 200 22.60 -11.57 -12.73
C GLY A 200 23.77 -11.42 -13.68
N SER A 201 23.46 -11.04 -14.92
CA SER A 201 24.46 -10.77 -15.95
C SER A 201 25.00 -9.35 -15.85
N GLN A 202 24.16 -8.45 -15.33
CA GLN A 202 24.51 -7.06 -15.18
C GLN A 202 23.54 -6.45 -14.16
N VAL A 203 24.03 -5.54 -13.31
CA VAL A 203 23.18 -4.88 -12.30
C VAL A 203 23.23 -3.37 -12.45
N TYR A 204 22.08 -2.72 -12.44
CA TYR A 204 22.04 -1.28 -12.54
C TYR A 204 21.49 -0.67 -11.26
N ILE A 205 22.31 0.15 -10.58
CA ILE A 205 21.83 0.98 -9.47
C ILE A 205 21.25 2.25 -10.08
N ILE A 206 19.98 2.57 -9.76
CA ILE A 206 19.31 3.78 -10.25
C ILE A 206 18.96 4.72 -9.09
N HIS A 207 19.44 5.96 -9.17
CA HIS A 207 19.35 6.89 -8.05
C HIS A 207 19.00 8.30 -8.56
N ARG A 208 18.21 9.04 -7.79
CA ARG A 208 17.65 10.31 -8.25
C ARG A 208 18.72 11.39 -8.39
N ARG A 209 19.74 11.31 -7.57
CA ARG A 209 20.80 12.31 -7.57
C ARG A 209 22.05 11.81 -8.24
N ASN A 210 23.11 12.62 -8.19
CA ASN A 210 24.35 12.28 -8.85
C ASN A 210 25.36 11.95 -7.78
N THR A 211 24.85 11.75 -6.58
CA THR A 211 25.68 11.44 -5.45
C THR A 211 24.97 10.46 -4.50
N PHE A 212 25.73 9.55 -3.92
CA PHE A 212 25.19 8.52 -3.04
C PHE A 212 25.21 8.89 -1.55
N ARG A 213 24.11 8.61 -0.87
CA ARG A 213 23.98 8.80 0.58
C ARG A 213 24.80 7.78 1.37
N ALA A 214 25.17 6.69 0.72
CA ALA A 214 25.88 5.58 1.35
C ALA A 214 27.28 5.98 1.78
N SER A 215 27.87 5.16 2.65
CA SER A 215 29.23 5.40 3.12
C SER A 215 30.20 5.40 1.95
N LYS A 216 31.31 6.13 2.10
CA LYS A 216 32.30 6.24 1.04
C LYS A 216 32.91 4.88 0.72
N ILE A 217 33.01 4.02 1.73
CA ILE A 217 33.47 2.66 1.53
C ILE A 217 32.52 1.85 0.64
N MET A 218 31.25 1.83 1.03
CA MET A 218 30.22 1.08 0.32
C MET A 218 30.06 1.55 -1.13
N GLN A 219 30.13 2.87 -1.33
CA GLN A 219 30.09 3.43 -2.67
C GLN A 219 31.20 2.86 -3.53
N ALA A 220 32.37 2.71 -2.93
CA ALA A 220 33.55 2.27 -3.66
C ALA A 220 33.51 0.79 -4.05
N ARG A 221 33.06 -0.05 -3.13
CA ARG A 221 32.98 -1.48 -3.36
C ARG A 221 31.98 -1.80 -4.50
N ALA A 222 30.95 -0.96 -4.65
CA ALA A 222 29.95 -1.14 -5.70
C ALA A 222 30.41 -0.51 -6.99
N LEU A 223 30.93 0.71 -6.89
CA LEU A 223 31.48 1.41 -8.05
C LEU A 223 32.68 0.68 -8.62
N SER A 224 33.29 -0.19 -7.84
CA SER A 224 34.45 -0.91 -8.33
C SER A 224 34.00 -2.20 -8.98
N ASN A 225 32.75 -2.59 -8.71
CA ASN A 225 32.23 -3.85 -9.24
C ASN A 225 32.08 -3.82 -10.77
N PRO A 226 32.63 -4.84 -11.45
CA PRO A 226 32.64 -4.96 -12.91
C PRO A 226 31.23 -5.09 -13.47
N LYS A 227 30.38 -5.85 -12.79
CA LYS A 227 29.02 -6.14 -13.26
C LYS A 227 27.98 -5.12 -12.80
N ILE A 228 28.41 -4.04 -12.16
CA ILE A 228 27.48 -2.99 -11.73
C ILE A 228 27.70 -1.70 -12.48
N GLN A 229 26.62 -1.09 -12.92
CA GLN A 229 26.70 0.18 -13.60
C GLN A 229 25.70 1.09 -12.92
N VAL A 230 26.17 2.25 -12.46
CA VAL A 230 25.26 3.24 -11.86
C VAL A 230 24.54 4.11 -12.90
N VAL A 231 23.28 4.40 -12.62
CA VAL A 231 22.49 5.25 -13.50
C VAL A 231 22.05 6.48 -12.73
N TRP A 232 22.96 7.48 -12.65
CA TRP A 232 22.72 8.70 -11.88
C TRP A 232 21.59 9.57 -12.38
N ASP A 233 21.24 10.57 -11.58
CA ASP A 233 20.29 11.60 -12.00
C ASP A 233 19.03 11.05 -12.70
N SER A 234 18.59 9.84 -12.32
CA SER A 234 17.48 9.18 -13.01
C SER A 234 16.33 8.73 -12.10
N GLU A 235 15.17 8.51 -12.71
CA GLU A 235 14.02 7.91 -12.03
C GLU A 235 13.42 6.89 -12.95
N VAL A 236 12.85 5.84 -12.37
CA VAL A 236 12.09 4.89 -13.15
C VAL A 236 10.68 5.44 -13.26
N VAL A 237 10.15 5.51 -14.47
CA VAL A 237 8.82 6.09 -14.65
C VAL A 237 7.81 5.07 -15.12
N GLU A 238 8.30 3.90 -15.52
CA GLU A 238 7.41 2.83 -15.97
C GLU A 238 8.13 1.49 -15.92
N ALA A 239 7.42 0.44 -15.52
CA ALA A 239 7.92 -0.91 -15.72
C ALA A 239 6.97 -1.64 -16.67
N TYR A 240 7.52 -2.37 -17.66
CA TYR A 240 6.71 -3.08 -18.64
C TYR A 240 7.15 -4.54 -18.79
N GLY A 241 6.27 -5.38 -19.33
CA GLY A 241 6.55 -6.79 -19.49
C GLY A 241 6.61 -7.22 -20.93
N GLY A 242 6.64 -8.52 -21.19
CA GLY A 242 6.73 -9.01 -22.54
C GLY A 242 5.49 -9.78 -22.94
N ALA A 243 5.58 -10.46 -24.08
CA ALA A 243 4.50 -11.31 -24.60
C ALA A 243 3.21 -10.48 -24.85
N GLY A 244 2.00 -10.97 -24.56
CA GLY A 244 1.71 -12.27 -23.97
C GLY A 244 1.54 -12.15 -22.47
N GLY A 245 1.42 -10.92 -21.99
CA GLY A 245 1.29 -10.65 -20.57
C GLY A 245 2.36 -11.38 -19.77
N GLY A 246 3.62 -11.23 -20.18
CA GLY A 246 4.71 -11.89 -19.50
C GLY A 246 5.16 -11.11 -18.28
N PRO A 247 6.23 -11.58 -17.61
CA PRO A 247 6.84 -10.94 -16.45
C PRO A 247 7.66 -9.72 -16.85
N LEU A 248 8.18 -9.00 -15.85
CA LEU A 248 8.96 -7.79 -16.11
C LEU A 248 9.97 -7.96 -17.23
N ALA A 249 9.98 -7.03 -18.17
CA ALA A 249 10.88 -7.11 -19.31
C ALA A 249 11.81 -5.89 -19.43
N GLY A 250 11.33 -4.76 -18.94
CA GLY A 250 12.11 -3.53 -19.00
C GLY A 250 11.53 -2.41 -18.15
N VAL A 251 12.29 -1.31 -18.04
CA VAL A 251 11.84 -0.11 -17.35
C VAL A 251 12.14 1.12 -18.21
N LYS A 252 11.23 2.09 -18.19
CA LYS A 252 11.53 3.39 -18.77
C LYS A 252 12.16 4.26 -17.70
N VAL A 253 13.36 4.75 -17.99
CA VAL A 253 14.10 5.60 -17.06
C VAL A 253 14.14 7.02 -17.58
N LYS A 254 13.84 7.98 -16.71
CA LYS A 254 13.90 9.37 -17.11
C LYS A 254 15.07 10.05 -16.45
N ASN A 255 15.92 10.65 -17.26
CA ASN A 255 16.99 11.48 -16.74
C ASN A 255 16.40 12.79 -16.23
N LEU A 256 16.84 13.23 -15.06
CA LEU A 256 16.20 14.36 -14.42
C LEU A 256 16.90 15.66 -14.74
N VAL A 257 18.05 15.54 -15.41
CA VAL A 257 18.79 16.69 -15.91
C VAL A 257 18.36 17.02 -17.33
N THR A 258 18.49 16.05 -18.23
CA THR A 258 18.17 16.21 -19.63
C THR A 258 16.67 16.12 -19.89
N GLY A 259 15.99 15.28 -19.11
CA GLY A 259 14.56 15.06 -19.31
C GLY A 259 14.30 13.85 -20.17
N GLU A 260 15.34 13.36 -20.82
CA GLU A 260 15.24 12.23 -21.73
C GLU A 260 14.76 10.95 -21.04
N VAL A 261 13.96 10.17 -21.76
CA VAL A 261 13.44 8.91 -21.27
C VAL A 261 14.00 7.78 -22.12
N SER A 262 14.55 6.74 -21.49
CA SER A 262 15.15 5.63 -22.22
C SER A 262 14.61 4.26 -21.78
N ASP A 263 14.46 3.32 -22.73
CA ASP A 263 14.12 1.95 -22.36
C ASP A 263 15.39 1.27 -21.84
N LEU A 264 15.23 0.40 -20.84
CA LEU A 264 16.37 -0.28 -20.26
C LEU A 264 15.95 -1.72 -19.95
N GLN A 265 16.41 -2.66 -20.76
CA GLN A 265 15.94 -4.04 -20.62
C GLN A 265 16.36 -4.66 -19.28
N VAL A 266 15.46 -5.41 -18.66
CA VAL A 266 15.74 -5.90 -17.32
C VAL A 266 14.71 -6.94 -16.89
N SER A 267 15.16 -8.01 -16.23
CA SER A 267 14.28 -9.10 -15.82
C SER A 267 13.86 -8.96 -14.37
N GLY A 268 14.53 -8.07 -13.65
CA GLY A 268 14.27 -7.87 -12.24
C GLY A 268 14.52 -6.42 -11.85
N LEU A 269 13.72 -5.93 -10.91
CA LEU A 269 13.88 -4.59 -10.38
C LEU A 269 13.64 -4.69 -8.88
N PHE A 270 14.57 -4.20 -8.07
CA PHE A 270 14.45 -4.36 -6.62
C PHE A 270 14.54 -3.03 -5.91
N PHE A 271 13.75 -2.86 -4.87
CA PHE A 271 13.68 -1.61 -4.13
C PHE A 271 14.60 -1.70 -2.93
N ALA A 272 15.60 -0.82 -2.89
CA ALA A 272 16.51 -0.70 -1.77
C ALA A 272 16.51 0.74 -1.30
N ILE A 273 15.34 1.25 -0.92
CA ILE A 273 15.21 2.66 -0.57
C ILE A 273 14.84 2.86 0.88
N GLY A 274 15.22 1.90 1.73
CA GLY A 274 15.00 2.00 3.17
C GLY A 274 13.68 1.42 3.70
N HIS A 275 13.40 1.71 4.97
CA HIS A 275 12.34 1.12 5.76
C HIS A 275 11.66 2.23 6.53
N GLU A 276 10.37 2.09 6.79
CA GLU A 276 9.64 3.19 7.40
C GLU A 276 9.24 2.76 8.80
N PRO A 277 9.92 3.31 9.81
CA PRO A 277 9.67 2.85 11.18
C PRO A 277 8.30 3.32 11.55
N ALA A 278 7.58 2.53 12.32
CA ALA A 278 6.19 2.84 12.60
C ALA A 278 6.06 3.69 13.82
N THR A 279 6.39 4.97 13.68
CA THR A 279 6.36 5.88 14.82
C THR A 279 5.41 7.06 14.74
N LYS A 280 4.69 7.20 13.62
CA LYS A 280 3.81 8.36 13.53
C LYS A 280 2.74 8.38 14.62
N PHE A 281 2.25 7.23 15.02
CA PHE A 281 1.17 7.19 16.00
C PHE A 281 1.59 7.83 17.33
N LEU A 282 2.90 7.86 17.58
CA LEU A 282 3.38 8.34 18.87
C LEU A 282 3.22 9.83 18.95
N ASN A 283 2.84 10.43 17.83
CA ASN A 283 2.65 11.87 17.76
C ASN A 283 3.79 12.71 18.36
N GLY A 284 5.05 12.30 18.21
CA GLY A 284 6.17 13.09 18.70
C GLY A 284 6.58 12.91 20.16
N GLN A 285 5.85 12.08 20.88
CA GLN A 285 6.07 11.96 22.32
C GLN A 285 7.33 11.21 22.73
N LEU A 286 8.01 10.59 21.77
CA LEU A 286 9.32 9.99 21.97
C LEU A 286 10.29 10.65 21.05
N GLU A 287 11.52 10.79 21.51
CA GLU A 287 12.55 11.43 20.70
C GLU A 287 12.97 10.45 19.61
N LEU A 288 12.93 10.95 18.39
CA LEU A 288 13.24 10.16 17.21
C LEU A 288 14.49 10.70 16.52
N HIS A 289 15.15 9.83 15.77
CA HIS A 289 16.20 10.28 14.89
C HIS A 289 15.49 10.83 13.66
N ALA A 290 16.24 11.42 12.74
CA ALA A 290 15.61 12.14 11.66
C ALA A 290 14.93 11.20 10.69
N ASP A 291 15.42 9.97 10.61
CA ASP A 291 14.83 8.98 9.73
C ASP A 291 13.58 8.37 10.34
N GLY A 292 13.16 8.88 11.51
CA GLY A 292 11.97 8.40 12.15
C GLY A 292 12.08 7.30 13.22
N TYR A 293 13.21 6.61 13.29
CA TYR A 293 13.45 5.56 14.30
C TYR A 293 13.50 6.16 15.69
N VAL A 294 13.09 5.35 16.66
CA VAL A 294 13.09 5.76 18.05
C VAL A 294 14.54 5.79 18.55
N ALA A 295 14.95 6.91 19.12
CA ALA A 295 16.27 7.04 19.69
C ALA A 295 16.31 6.33 21.04
N THR A 296 17.11 5.27 21.13
CA THR A 296 17.22 4.52 22.37
C THR A 296 18.62 4.72 22.93
N LYS A 297 18.76 4.61 24.25
CA LYS A 297 20.06 4.53 24.89
C LYS A 297 20.80 3.30 24.37
N PRO A 298 21.83 3.51 23.55
CA PRO A 298 22.52 2.36 22.92
C PRO A 298 22.82 1.21 23.87
N GLY A 299 22.39 0.02 23.48
CA GLY A 299 22.63 -1.16 24.28
C GLY A 299 21.53 -1.36 25.31
N SER A 300 20.43 -0.64 25.13
CA SER A 300 19.25 -0.90 25.94
C SER A 300 18.06 -0.51 25.13
N THR A 301 16.89 -0.63 25.72
CA THR A 301 15.67 -0.28 25.07
C THR A 301 15.10 1.04 25.63
N HIS A 302 15.87 1.71 26.48
CA HIS A 302 15.43 2.95 27.11
C HIS A 302 15.21 4.03 26.07
N THR A 303 14.11 4.75 26.22
CA THR A 303 13.80 5.85 25.32
C THR A 303 13.87 7.15 26.10
N SER A 304 13.53 8.23 25.42
CA SER A 304 13.50 9.55 26.05
C SER A 304 12.51 9.68 27.21
N VAL A 305 11.66 8.67 27.45
CA VAL A 305 10.66 8.76 28.54
C VAL A 305 10.81 7.64 29.56
N GLU A 306 11.09 7.99 30.81
CA GLU A 306 11.25 6.96 31.80
C GLU A 306 10.02 6.06 31.80
N GLY A 307 10.22 4.75 31.81
CA GLY A 307 9.12 3.81 31.87
C GLY A 307 8.55 3.38 30.53
N VAL A 308 9.01 4.03 29.45
CA VAL A 308 8.66 3.64 28.09
C VAL A 308 9.89 3.09 27.39
N PHE A 309 9.75 1.93 26.74
CA PHE A 309 10.90 1.26 26.12
C PHE A 309 10.63 0.98 24.64
N ALA A 310 11.68 0.81 23.85
CA ALA A 310 11.47 0.51 22.43
C ALA A 310 12.39 -0.62 22.04
N ALA A 311 11.80 -1.63 21.42
CA ALA A 311 12.54 -2.84 21.01
C ALA A 311 12.26 -3.13 19.53
N GLY A 312 13.22 -3.77 18.86
CA GLY A 312 12.98 -4.25 17.52
C GLY A 312 13.27 -3.27 16.43
N ASP A 313 12.75 -3.57 15.23
CA ASP A 313 13.01 -2.71 14.06
C ASP A 313 12.55 -1.26 14.17
N VAL A 314 11.63 -0.97 15.08
CA VAL A 314 11.20 0.42 15.25
C VAL A 314 12.35 1.27 15.78
N GLN A 315 13.42 0.63 16.26
CA GLN A 315 14.60 1.37 16.68
C GLN A 315 15.91 0.73 16.21
N ASP A 316 15.88 0.06 15.07
CA ASP A 316 17.10 -0.52 14.54
C ASP A 316 17.03 -0.59 13.01
N LYS A 317 17.84 0.21 12.32
CA LYS A 317 17.92 0.07 10.89
C LYS A 317 19.17 -0.66 10.42
N LYS A 318 20.03 -1.04 11.37
CA LYS A 318 21.36 -1.60 11.08
C LYS A 318 21.35 -3.11 10.90
N TYR A 319 20.69 -3.81 11.81
CA TYR A 319 20.62 -5.27 11.73
C TYR A 319 19.31 -5.74 11.09
N ARG A 320 18.19 -5.38 11.71
CA ARG A 320 16.92 -5.65 11.04
C ARG A 320 16.68 -7.13 10.86
N GLN A 321 16.89 -7.94 11.89
CA GLN A 321 16.61 -9.36 11.78
C GLN A 321 15.59 -9.76 12.80
N ALA A 322 14.88 -10.83 12.49
CA ALA A 322 13.95 -11.37 13.45
C ALA A 322 14.71 -11.75 14.72
N ILE A 323 15.82 -12.47 14.59
CA ILE A 323 16.60 -12.83 15.77
C ILE A 323 17.11 -11.63 16.59
N THR A 324 17.57 -10.55 15.95
CA THR A 324 17.99 -9.40 16.76
C THR A 324 16.78 -8.73 17.43
N ALA A 325 15.70 -8.64 16.68
CA ALA A 325 14.52 -8.00 17.19
C ALA A 325 13.95 -8.77 18.38
N ALA A 326 13.94 -10.09 18.29
CA ALA A 326 13.59 -10.98 19.43
C ALA A 326 14.47 -10.67 20.64
N GLY A 327 15.78 -10.59 20.44
CA GLY A 327 16.68 -10.28 21.53
C GLY A 327 16.29 -8.98 22.20
N SER A 328 16.01 -7.98 21.38
CA SER A 328 15.69 -6.65 21.85
C SER A 328 14.39 -6.64 22.64
N GLY A 329 13.44 -7.46 22.23
CA GLY A 329 12.16 -7.54 22.89
C GLY A 329 12.33 -8.11 24.29
N CYS A 330 13.18 -9.11 24.40
CA CYS A 330 13.56 -9.68 25.69
C CYS A 330 14.09 -8.59 26.59
N MET A 331 15.05 -7.83 26.07
CA MET A 331 15.65 -6.71 26.82
C MET A 331 14.61 -5.68 27.28
N ALA A 332 13.66 -5.32 26.40
CA ALA A 332 12.61 -4.38 26.76
C ALA A 332 11.79 -4.90 27.96
N ALA A 333 11.42 -6.18 27.96
CA ALA A 333 10.73 -6.74 29.12
C ALA A 333 11.56 -6.62 30.38
N LEU A 334 12.79 -7.15 30.34
CA LEU A 334 13.65 -7.11 31.55
C LEU A 334 13.91 -5.67 32.04
N ASP A 335 14.08 -4.73 31.12
CA ASP A 335 14.33 -3.34 31.48
C ASP A 335 13.13 -2.76 32.22
N ALA A 336 11.93 -3.10 31.72
CA ALA A 336 10.65 -2.65 32.28
C ALA A 336 10.41 -3.29 33.65
N GLU A 337 10.70 -4.57 33.71
CA GLU A 337 10.60 -5.26 34.96
C GLU A 337 11.52 -4.60 35.98
N HIS A 338 12.73 -4.29 35.55
CA HIS A 338 13.71 -3.68 36.44
C HIS A 338 13.29 -2.27 36.82
N TYR A 339 12.59 -1.60 35.92
CA TYR A 339 12.11 -0.26 36.20
C TYR A 339 10.89 -0.26 37.12
N LEU A 340 10.10 -1.33 37.05
CA LEU A 340 8.96 -1.46 37.94
C LEU A 340 9.43 -1.63 39.38
N GLN A 341 10.52 -2.37 39.54
CA GLN A 341 11.04 -2.69 40.85
C GLN A 341 11.65 -1.47 41.51
N GLU A 342 12.11 -0.53 40.71
CA GLU A 342 12.70 0.70 41.25
C GLU A 342 11.67 1.81 41.33
N VAL A 343 10.41 1.44 41.53
CA VAL A 343 9.32 2.40 41.43
C VAL A 343 8.03 1.89 42.08
N ALA B 25 3.42 30.29 -2.98
CA ALA B 25 2.91 30.72 -1.68
C ALA B 25 2.62 32.22 -1.71
N ALA B 26 3.68 33.02 -1.74
CA ALA B 26 3.61 34.45 -2.01
C ALA B 26 3.72 34.72 -3.51
N ALA B 27 4.11 33.70 -4.27
CA ALA B 27 4.12 33.78 -5.73
C ALA B 27 3.14 32.74 -6.30
N PRO B 28 1.85 32.95 -6.07
CA PRO B 28 0.80 32.01 -6.45
C PRO B 28 0.55 32.07 -7.93
N LEU B 29 0.40 30.91 -8.56
CA LEU B 29 -0.08 30.84 -9.94
C LEU B 29 -1.56 31.19 -9.95
N ARG B 30 -1.99 31.98 -10.94
CA ARG B 30 -3.41 32.28 -11.10
C ARG B 30 -3.93 31.63 -12.37
N THR B 31 -5.07 30.96 -12.27
CA THR B 31 -5.65 30.31 -13.42
C THR B 31 -7.16 30.35 -13.34
N ARG B 32 -7.82 30.33 -14.51
CA ARG B 32 -9.26 30.20 -14.57
C ARG B 32 -9.76 28.84 -14.07
N VAL B 33 -8.97 27.79 -14.30
CA VAL B 33 -9.40 26.42 -14.00
C VAL B 33 -8.19 25.64 -13.42
N CYS B 34 -8.31 25.16 -12.19
CA CYS B 34 -7.28 24.28 -11.59
C CYS B 34 -7.83 22.84 -11.49
N ILE B 35 -7.11 21.90 -12.08
CA ILE B 35 -7.55 20.52 -12.11
C ILE B 35 -6.69 19.66 -11.17
N ILE B 36 -7.37 18.93 -10.29
CA ILE B 36 -6.68 18.10 -9.32
C ILE B 36 -6.88 16.64 -9.67
N GLY B 37 -5.79 15.96 -10.06
CA GLY B 37 -5.86 14.58 -10.47
C GLY B 37 -5.28 14.36 -11.84
N SER B 38 -5.08 13.09 -12.23
CA SER B 38 -4.39 12.81 -13.48
C SER B 38 -4.86 11.54 -14.20
N GLY B 39 -6.12 11.15 -13.98
CA GLY B 39 -6.71 10.08 -14.76
C GLY B 39 -7.38 10.57 -16.04
N PRO B 40 -8.19 9.71 -16.66
CA PRO B 40 -8.97 10.07 -17.85
C PRO B 40 -9.83 11.31 -17.64
N ALA B 41 -10.47 11.42 -16.47
CA ALA B 41 -11.35 12.56 -16.19
C ALA B 41 -10.57 13.87 -16.16
N ALA B 42 -9.53 13.93 -15.35
CA ALA B 42 -8.67 15.14 -15.25
C ALA B 42 -8.12 15.55 -16.61
N HIS B 43 -7.55 14.58 -17.33
CA HIS B 43 -6.97 14.88 -18.63
C HIS B 43 -7.98 15.30 -19.69
N THR B 44 -9.15 14.71 -19.71
CA THR B 44 -10.15 15.19 -20.66
C THR B 44 -10.60 16.59 -20.27
N ALA B 45 -10.75 16.84 -18.98
CA ALA B 45 -11.06 18.19 -18.52
C ALA B 45 -9.97 19.17 -18.96
N ALA B 46 -8.70 18.75 -18.84
CA ALA B 46 -7.57 19.61 -19.27
C ALA B 46 -7.59 19.90 -20.75
N ILE B 47 -7.84 18.86 -21.55
CA ILE B 47 -7.87 18.99 -22.99
C ILE B 47 -8.92 20.02 -23.41
N TYR B 48 -10.15 19.93 -22.87
CA TYR B 48 -11.18 20.94 -23.14
C TYR B 48 -10.87 22.34 -22.55
N ALA B 49 -10.43 22.40 -21.31
CA ALA B 49 -10.17 23.70 -20.69
C ALA B 49 -9.07 24.42 -21.45
N ALA B 50 -7.98 23.70 -21.72
CA ALA B 50 -6.88 24.25 -22.49
C ALA B 50 -7.30 24.67 -23.90
N ARG B 51 -8.03 23.82 -24.61
CA ARG B 51 -8.45 24.23 -25.95
C ARG B 51 -9.38 25.43 -25.95
N ALA B 52 -10.11 25.63 -24.85
CA ALA B 52 -11.01 26.76 -24.73
C ALA B 52 -10.19 27.96 -24.26
N GLU B 53 -8.87 27.79 -24.30
CA GLU B 53 -7.95 28.86 -23.97
C GLU B 53 -8.10 29.37 -22.55
N LEU B 54 -8.33 28.45 -21.63
CA LEU B 54 -8.48 28.84 -20.24
C LEU B 54 -7.19 28.62 -19.48
N LYS B 55 -6.16 28.10 -20.16
CA LYS B 55 -4.85 27.90 -19.54
C LYS B 55 -4.95 27.16 -18.20
N PRO B 56 -5.38 25.90 -18.22
CA PRO B 56 -5.58 25.21 -16.94
C PRO B 56 -4.27 24.82 -16.30
N VAL B 57 -4.26 24.80 -14.98
CA VAL B 57 -3.16 24.21 -14.24
C VAL B 57 -3.62 22.89 -13.66
N LEU B 58 -2.88 21.84 -13.97
CA LEU B 58 -3.25 20.50 -13.54
C LEU B 58 -2.21 19.96 -12.58
N PHE B 59 -2.67 19.43 -11.44
CA PHE B 59 -1.80 18.72 -10.48
C PHE B 59 -1.94 17.23 -10.75
N GLU B 60 -0.94 16.62 -11.36
CA GLU B 60 -1.03 15.21 -11.71
C GLU B 60 -0.67 14.27 -10.54
N GLY B 61 -0.29 14.84 -9.40
CA GLY B 61 0.23 14.06 -8.29
C GLY B 61 1.68 13.63 -8.44
N TRP B 62 2.33 13.31 -7.33
CA TRP B 62 3.59 12.60 -7.36
C TRP B 62 3.36 11.30 -6.63
N MET B 63 2.98 10.28 -7.39
CA MET B 63 2.45 9.05 -6.82
C MET B 63 1.41 9.35 -5.77
N ALA B 64 0.60 10.37 -5.99
CA ALA B 64 -0.44 10.70 -5.04
C ALA B 64 -1.29 9.48 -4.77
N ASN B 65 -1.49 9.21 -3.50
CA ASN B 65 -2.38 8.12 -3.10
C ASN B 65 -1.81 6.76 -3.48
N ASP B 66 -0.50 6.70 -3.72
CA ASP B 66 0.14 5.45 -4.10
C ASP B 66 -0.34 4.85 -5.41
N ILE B 67 -0.73 5.74 -6.31
CA ILE B 67 -1.04 5.40 -7.68
C ILE B 67 -0.24 6.41 -8.51
N ALA B 68 0.40 5.92 -9.56
CA ALA B 68 1.14 6.79 -10.47
C ALA B 68 0.23 7.85 -11.12
N ALA B 69 0.81 8.99 -11.46
CA ALA B 69 0.10 9.92 -12.32
C ALA B 69 -0.33 9.13 -13.53
N GLY B 70 -1.55 9.37 -14.00
CA GLY B 70 -2.11 8.57 -15.07
C GLY B 70 -3.32 7.81 -14.56
N GLY B 71 -3.26 7.45 -13.29
CA GLY B 71 -4.42 6.90 -12.63
C GLY B 71 -4.47 5.38 -12.65
N GLN B 72 -5.62 4.83 -12.26
CA GLN B 72 -5.75 3.38 -12.12
C GLN B 72 -5.37 2.58 -13.35
N LEU B 73 -5.67 3.12 -14.51
CA LEU B 73 -5.28 2.49 -15.76
C LEU B 73 -3.79 2.09 -15.83
N THR B 74 -2.93 2.79 -15.11
CA THR B 74 -1.50 2.45 -15.10
C THR B 74 -1.25 1.13 -14.36
N THR B 75 -2.25 0.67 -13.61
CA THR B 75 -2.17 -0.62 -12.90
C THR B 75 -2.71 -1.83 -13.66
N THR B 76 -3.06 -1.62 -14.92
CA THR B 76 -3.49 -2.68 -15.81
C THR B 76 -2.72 -2.66 -17.16
N THR B 77 -2.85 -3.71 -17.95
CA THR B 77 -1.90 -3.98 -19.05
C THR B 77 -2.55 -3.89 -20.41
N ASP B 78 -3.86 -4.02 -20.40
CA ASP B 78 -4.57 -4.26 -21.63
C ASP B 78 -5.97 -3.73 -21.46
N VAL B 79 -6.23 -2.59 -22.08
CA VAL B 79 -7.54 -1.94 -22.04
C VAL B 79 -8.18 -2.16 -23.42
N GLU B 80 -9.36 -2.77 -23.44
CA GLU B 80 -9.89 -3.29 -24.68
C GLU B 80 -11.22 -2.64 -25.02
N ASN B 81 -11.77 -1.91 -24.06
CA ASN B 81 -13.11 -1.33 -24.21
C ASN B 81 -13.11 0.20 -24.14
N PHE B 82 -11.99 0.84 -24.44
CA PHE B 82 -11.99 2.29 -24.54
C PHE B 82 -12.12 2.56 -26.04
N PRO B 83 -13.25 3.14 -26.46
CA PRO B 83 -13.58 3.22 -27.90
C PRO B 83 -12.49 3.95 -28.68
N GLY B 84 -12.06 3.38 -29.79
CA GLY B 84 -11.11 4.05 -30.66
C GLY B 84 -9.86 3.25 -30.88
N PHE B 85 -9.75 2.17 -30.12
CA PHE B 85 -8.58 1.30 -30.16
C PHE B 85 -8.96 -0.16 -30.48
N PRO B 86 -9.13 -0.46 -31.78
CA PRO B 86 -9.63 -1.74 -32.27
C PRO B 86 -8.78 -2.94 -31.81
N THR B 87 -7.56 -2.69 -31.34
CA THR B 87 -6.64 -3.76 -31.03
C THR B 87 -6.34 -3.75 -29.54
N GLY B 88 -7.01 -2.84 -28.85
CA GLY B 88 -6.76 -2.64 -27.43
C GLY B 88 -5.59 -1.72 -27.28
N ILE B 89 -5.28 -1.38 -26.03
CA ILE B 89 -4.16 -0.49 -25.76
C ILE B 89 -3.79 -0.64 -24.31
N MET B 90 -2.49 -0.58 -24.01
CA MET B 90 -2.08 -0.71 -22.63
C MET B 90 -2.45 0.55 -21.84
N GLY B 91 -2.93 0.38 -20.62
CA GLY B 91 -3.29 1.52 -19.78
C GLY B 91 -2.20 2.60 -19.75
N ILE B 92 -0.95 2.21 -19.50
CA ILE B 92 0.12 3.19 -19.47
C ILE B 92 0.21 4.01 -20.76
N ASP B 93 0.09 3.36 -21.91
CA ASP B 93 0.20 4.06 -23.19
C ASP B 93 -0.96 4.98 -23.44
N LEU B 94 -2.16 4.52 -23.12
CA LEU B 94 -3.34 5.36 -23.26
C LEU B 94 -3.18 6.63 -22.41
N MET B 95 -2.75 6.48 -21.16
CA MET B 95 -2.59 7.64 -20.29
C MET B 95 -1.38 8.51 -20.64
N ASP B 96 -0.33 7.91 -21.18
CA ASP B 96 0.76 8.69 -21.80
C ASP B 96 0.18 9.58 -22.90
N ASN B 97 -0.75 9.05 -23.69
CA ASN B 97 -1.31 9.84 -24.76
C ASN B 97 -2.16 10.97 -24.25
N CYS B 98 -2.99 10.70 -23.24
CA CYS B 98 -3.86 11.72 -22.66
C CYS B 98 -3.05 12.92 -22.16
N ARG B 99 -1.97 12.63 -21.45
CA ARG B 99 -1.09 13.67 -20.94
C ARG B 99 -0.41 14.48 -22.05
N ALA B 100 0.09 13.80 -23.07
CA ALA B 100 0.81 14.46 -24.15
C ALA B 100 -0.16 15.38 -24.84
N GLN B 101 -1.44 15.03 -24.72
CA GLN B 101 -2.47 15.74 -25.43
C GLN B 101 -2.77 16.98 -24.64
N SER B 102 -2.95 16.81 -23.33
CA SER B 102 -3.12 17.93 -22.40
C SER B 102 -1.99 18.96 -22.47
N VAL B 103 -0.76 18.48 -22.59
CA VAL B 103 0.38 19.36 -22.68
C VAL B 103 0.37 20.11 -24.00
N ARG B 104 0.03 19.40 -25.06
CA ARG B 104 0.04 19.97 -26.39
C ARG B 104 -0.86 21.21 -26.49
N PHE B 105 -1.95 21.22 -25.74
CA PHE B 105 -2.88 22.35 -25.80
C PHE B 105 -2.66 23.45 -24.75
N GLY B 106 -1.52 23.38 -24.06
CA GLY B 106 -1.18 24.42 -23.10
C GLY B 106 -1.34 24.12 -21.62
N THR B 107 -1.82 22.93 -21.26
CA THR B 107 -1.99 22.64 -19.84
C THR B 107 -0.63 22.78 -19.16
N ASN B 108 -0.62 23.41 -17.99
CA ASN B 108 0.58 23.49 -17.15
C ASN B 108 0.46 22.43 -16.09
N ILE B 109 1.33 21.43 -16.17
CA ILE B 109 1.14 20.25 -15.32
C ILE B 109 2.18 20.23 -14.22
N LEU B 110 1.71 20.32 -12.99
CA LEU B 110 2.61 20.19 -11.86
C LEU B 110 2.64 18.74 -11.41
N SER B 111 3.84 18.18 -11.30
CA SER B 111 4.03 16.81 -10.83
C SER B 111 4.02 16.77 -9.34
N GLU B 112 2.99 17.35 -8.75
CA GLU B 112 2.91 17.49 -7.31
C GLU B 112 1.55 17.05 -6.82
N THR B 113 1.51 16.59 -5.58
CA THR B 113 0.30 16.15 -4.94
C THR B 113 -0.35 17.30 -4.17
N VAL B 114 -1.66 17.43 -4.31
CA VAL B 114 -2.38 18.47 -3.59
C VAL B 114 -2.62 18.00 -2.16
N THR B 115 -2.33 18.86 -1.20
CA THR B 115 -2.43 18.46 0.20
C THR B 115 -3.57 19.17 0.92
N GLU B 116 -4.06 20.24 0.33
CA GLU B 116 -5.00 21.08 1.02
C GLU B 116 -5.64 22.00 0.03
N VAL B 117 -6.91 22.32 0.25
CA VAL B 117 -7.54 23.34 -0.57
C VAL B 117 -8.26 24.30 0.35
N ASP B 118 -8.69 25.42 -0.22
CA ASP B 118 -9.54 26.33 0.53
C ASP B 118 -10.67 26.77 -0.37
N PHE B 119 -11.89 26.33 -0.05
CA PHE B 119 -13.02 26.57 -0.93
C PHE B 119 -13.95 27.60 -0.29
N SER B 120 -13.51 28.15 0.82
CA SER B 120 -14.32 29.15 1.54
C SER B 120 -14.29 30.50 0.84
N ALA B 121 -13.27 30.73 0.01
CA ALA B 121 -13.07 32.05 -0.59
C ALA B 121 -12.81 31.93 -2.08
N ARG B 122 -12.98 33.04 -2.79
CA ARG B 122 -12.62 33.08 -4.20
C ARG B 122 -11.68 34.23 -4.53
N PRO B 123 -10.64 33.97 -5.31
CA PRO B 123 -10.46 32.68 -6.00
C PRO B 123 -10.11 31.59 -5.02
N PHE B 124 -10.42 30.35 -5.40
CA PHE B 124 -10.07 29.18 -4.62
C PHE B 124 -8.57 29.00 -4.54
N ARG B 125 -8.13 28.48 -3.41
CA ARG B 125 -6.73 28.26 -3.18
C ARG B 125 -6.48 26.74 -3.20
N VAL B 126 -5.55 26.33 -4.05
CA VAL B 126 -5.12 24.92 -4.15
C VAL B 126 -3.60 24.81 -3.97
N THR B 127 -3.14 24.00 -3.03
CA THR B 127 -1.71 23.98 -2.71
C THR B 127 -1.15 22.58 -2.58
N SER B 128 0.10 22.45 -2.98
CA SER B 128 0.87 21.24 -2.82
C SER B 128 2.02 21.59 -1.90
N ASP B 129 2.94 20.65 -1.70
CA ASP B 129 4.15 20.96 -0.95
C ASP B 129 4.82 22.20 -1.48
N SER B 130 4.90 22.32 -2.80
CA SER B 130 5.78 23.33 -3.41
C SER B 130 5.03 24.50 -4.03
N THR B 131 3.78 24.30 -4.40
CA THR B 131 3.09 25.31 -5.16
C THR B 131 1.73 25.72 -4.60
N THR B 132 1.38 26.97 -4.86
CA THR B 132 0.09 27.48 -4.49
C THR B 132 -0.59 28.11 -5.68
N VAL B 133 -1.82 27.71 -5.93
CA VAL B 133 -2.56 28.19 -7.09
C VAL B 133 -3.82 28.89 -6.67
N LEU B 134 -4.07 30.05 -7.26
CA LEU B 134 -5.33 30.75 -7.03
C LEU B 134 -6.22 30.52 -8.28
N ALA B 135 -7.33 29.81 -8.08
CA ALA B 135 -8.14 29.35 -9.19
C ALA B 135 -9.57 29.85 -9.12
N ASP B 136 -10.08 30.28 -10.26
CA ASP B 136 -11.46 30.72 -10.39
C ASP B 136 -12.43 29.55 -10.31
N THR B 137 -12.01 28.40 -10.84
CA THR B 137 -12.73 27.14 -10.68
C THR B 137 -11.75 26.03 -10.44
N VAL B 138 -12.26 24.99 -9.79
CA VAL B 138 -11.48 23.80 -9.51
C VAL B 138 -12.27 22.59 -9.97
N VAL B 139 -11.57 21.67 -10.63
CA VAL B 139 -12.13 20.38 -10.92
C VAL B 139 -11.43 19.34 -10.08
N VAL B 140 -12.16 18.78 -9.12
CA VAL B 140 -11.68 17.61 -8.38
C VAL B 140 -11.93 16.32 -9.19
N ALA B 141 -10.84 15.63 -9.55
CA ALA B 141 -10.88 14.43 -10.37
C ALA B 141 -9.79 13.50 -9.86
N THR B 142 -9.81 13.23 -8.57
CA THR B 142 -8.73 12.51 -7.94
C THR B 142 -9.06 11.02 -7.87
N GLY B 143 -10.24 10.65 -8.33
CA GLY B 143 -10.52 9.24 -8.57
C GLY B 143 -10.68 8.41 -7.32
N ALA B 144 -10.23 7.16 -7.38
CA ALA B 144 -10.41 6.23 -6.28
C ALA B 144 -9.41 5.10 -6.40
N VAL B 145 -9.42 4.21 -5.43
CA VAL B 145 -8.46 3.11 -5.40
C VAL B 145 -9.12 1.85 -4.84
N ALA B 146 -8.95 0.72 -5.51
CA ALA B 146 -9.63 -0.49 -5.08
C ALA B 146 -9.10 -0.85 -3.71
N ARG B 147 -9.99 -1.21 -2.80
CA ARG B 147 -9.62 -1.63 -1.46
C ARG B 147 -9.10 -3.05 -1.43
N ARG B 148 -8.17 -3.31 -0.51
CA ARG B 148 -7.71 -4.69 -0.25
C ARG B 148 -7.48 -4.94 1.24
N LEU B 149 -7.26 -6.20 1.58
CA LEU B 149 -6.93 -6.55 2.95
C LEU B 149 -5.47 -6.94 3.02
N TYR B 150 -4.91 -6.92 4.23
CA TYR B 150 -3.51 -7.22 4.44
C TYR B 150 -3.29 -8.35 5.45
N PHE B 151 -4.09 -9.40 5.35
CA PHE B 151 -3.85 -10.61 6.11
C PHE B 151 -2.56 -11.31 5.63
N SER B 152 -1.95 -12.09 6.52
CA SER B 152 -0.78 -12.90 6.17
C SER B 152 -0.89 -13.64 4.86
N GLY B 153 0.11 -13.46 4.00
CA GLY B 153 0.11 -14.13 2.71
C GLY B 153 -0.36 -13.26 1.57
N SER B 154 -0.89 -12.07 1.88
CA SER B 154 -1.57 -11.30 0.85
C SER B 154 -0.60 -10.62 -0.12
N ASP B 155 0.47 -10.04 0.41
CA ASP B 155 1.55 -9.52 -0.44
C ASP B 155 2.20 -10.69 -1.16
N THR B 156 2.46 -11.75 -0.41
CA THR B 156 3.19 -12.90 -0.89
C THR B 156 2.63 -13.49 -2.16
N TYR B 157 1.32 -13.75 -2.17
CA TYR B 157 0.66 -14.33 -3.33
C TYR B 157 -0.03 -13.32 -4.27
N TRP B 158 0.34 -12.05 -4.17
CA TRP B 158 -0.18 -11.01 -5.07
C TRP B 158 0.34 -11.26 -6.48
N ASN B 159 -0.55 -11.30 -7.46
CA ASN B 159 -0.19 -11.71 -8.83
C ASN B 159 0.21 -13.19 -8.92
N ARG B 160 0.27 -13.87 -7.80
CA ARG B 160 0.51 -15.30 -7.87
C ARG B 160 -0.69 -16.00 -7.26
N GLY B 161 -1.88 -15.50 -7.64
CA GLY B 161 -3.14 -16.06 -7.19
C GLY B 161 -4.11 -15.00 -6.72
N ILE B 162 -3.63 -14.13 -5.85
CA ILE B 162 -4.44 -13.05 -5.29
C ILE B 162 -4.45 -11.85 -6.20
N SER B 163 -5.58 -11.13 -6.24
CA SER B 163 -5.75 -9.96 -7.08
C SER B 163 -6.98 -9.17 -6.67
N ALA B 164 -7.07 -7.94 -7.16
CA ALA B 164 -8.20 -7.08 -6.81
C ALA B 164 -9.06 -6.81 -8.03
N CYS B 165 -8.86 -7.60 -9.08
CA CYS B 165 -9.61 -7.44 -10.32
C CYS B 165 -10.04 -8.77 -10.92
N ALA B 166 -11.06 -9.36 -10.30
CA ALA B 166 -11.65 -10.62 -10.78
C ALA B 166 -11.84 -10.64 -12.30
N VAL B 167 -12.31 -9.53 -12.85
CA VAL B 167 -12.61 -9.47 -14.27
C VAL B 167 -11.36 -9.36 -15.12
N CYS B 168 -10.35 -8.68 -14.60
CA CYS B 168 -9.04 -8.64 -15.23
C CYS B 168 -8.43 -10.03 -15.40
N ASP B 169 -8.40 -10.80 -14.32
CA ASP B 169 -7.59 -12.02 -14.26
C ASP B 169 -8.33 -13.37 -14.31
N GLY B 170 -9.65 -13.36 -14.19
CA GLY B 170 -10.40 -14.60 -14.08
C GLY B 170 -10.14 -15.63 -15.18
N ALA B 171 -10.09 -15.19 -16.42
CA ALA B 171 -9.97 -16.10 -17.54
C ALA B 171 -8.68 -16.92 -17.43
N ALA B 172 -7.63 -16.23 -17.01
CA ALA B 172 -6.29 -16.81 -16.89
C ALA B 172 -6.21 -18.31 -16.49
N PRO B 173 -5.24 -19.01 -17.08
CA PRO B 173 -5.05 -20.45 -16.94
C PRO B 173 -5.05 -20.90 -15.48
N ILE B 174 -4.19 -20.29 -14.66
CA ILE B 174 -4.04 -20.71 -13.28
C ILE B 174 -5.36 -21.03 -12.59
N PHE B 175 -6.42 -20.34 -12.99
CA PHE B 175 -7.70 -20.40 -12.29
C PHE B 175 -8.68 -21.35 -12.95
N ARG B 176 -8.44 -21.62 -14.24
CA ARG B 176 -9.34 -22.45 -15.00
C ARG B 176 -9.64 -23.75 -14.25
N ASN B 177 -10.93 -24.00 -14.05
CA ASN B 177 -11.41 -25.27 -13.50
C ASN B 177 -11.01 -25.53 -12.05
N LYS B 178 -10.26 -24.61 -11.45
CA LYS B 178 -9.86 -24.73 -10.05
C LYS B 178 -10.83 -23.93 -9.19
N PRO B 179 -10.77 -24.10 -7.85
CA PRO B 179 -11.61 -23.29 -6.98
C PRO B 179 -11.09 -21.85 -6.78
N ILE B 180 -12.01 -20.89 -6.75
CA ILE B 180 -11.71 -19.49 -6.54
C ILE B 180 -12.43 -18.99 -5.27
N ALA B 181 -11.82 -18.02 -4.57
CA ALA B 181 -12.51 -17.28 -3.50
C ALA B 181 -12.65 -15.81 -3.83
N VAL B 182 -13.77 -15.23 -3.39
CA VAL B 182 -14.01 -13.82 -3.50
C VAL B 182 -14.35 -13.31 -2.11
N ILE B 183 -13.76 -12.19 -1.71
CA ILE B 183 -14.10 -11.58 -0.44
C ILE B 183 -14.92 -10.31 -0.64
N GLY B 184 -16.01 -10.17 0.11
CA GLY B 184 -16.83 -8.98 0.03
C GLY B 184 -18.31 -9.30 0.14
N GLY B 185 -19.13 -8.26 0.28
CA GLY B 185 -20.55 -8.49 0.43
C GLY B 185 -21.38 -7.49 -0.35
N GLY B 186 -20.75 -6.86 -1.33
CA GLY B 186 -21.44 -5.85 -2.10
C GLY B 186 -22.01 -6.39 -3.38
N ASP B 187 -22.55 -5.49 -4.19
CA ASP B 187 -23.04 -5.86 -5.51
C ASP B 187 -21.87 -6.37 -6.32
N SER B 188 -20.71 -5.76 -6.12
CA SER B 188 -19.52 -6.16 -6.87
C SER B 188 -19.15 -7.60 -6.57
N ALA B 189 -19.19 -7.95 -5.30
CA ALA B 189 -18.88 -9.30 -4.90
C ALA B 189 -19.86 -10.29 -5.57
N MET B 190 -21.15 -10.03 -5.49
CA MET B 190 -22.13 -10.88 -6.16
C MET B 190 -21.80 -11.01 -7.64
N GLU B 191 -21.50 -9.91 -8.33
CA GLU B 191 -21.35 -10.02 -9.79
C GLU B 191 -20.03 -10.63 -10.20
N GLU B 192 -18.98 -10.33 -9.47
CA GLU B 192 -17.68 -10.90 -9.75
C GLU B 192 -17.65 -12.37 -9.42
N GLY B 193 -18.44 -12.77 -8.42
CA GLY B 193 -18.63 -14.17 -8.11
C GLY B 193 -19.24 -14.91 -9.30
N ASN B 194 -20.36 -14.38 -9.80
CA ASN B 194 -21.02 -15.00 -10.93
C ASN B 194 -20.04 -15.08 -12.08
N PHE B 195 -19.46 -13.93 -12.42
CA PHE B 195 -18.45 -13.89 -13.47
C PHE B 195 -17.35 -14.96 -13.36
N LEU B 196 -16.93 -15.26 -12.13
CA LEU B 196 -15.89 -16.25 -11.96
C LEU B 196 -16.38 -17.69 -12.12
N THR B 197 -17.67 -17.95 -11.91
CA THR B 197 -18.16 -19.32 -12.05
C THR B 197 -18.13 -19.78 -13.50
N LYS B 198 -17.86 -18.84 -14.40
CA LYS B 198 -17.66 -19.14 -15.81
C LYS B 198 -16.27 -19.75 -16.08
N TYR B 199 -15.33 -19.54 -15.16
CA TYR B 199 -13.97 -20.04 -15.37
C TYR B 199 -13.52 -21.08 -14.35
N GLY B 200 -13.98 -20.95 -13.11
CA GLY B 200 -13.58 -21.85 -12.04
C GLY B 200 -14.49 -23.06 -11.92
N SER B 201 -14.06 -24.02 -11.09
CA SER B 201 -14.83 -25.22 -10.78
C SER B 201 -15.84 -24.97 -9.66
N GLN B 202 -15.51 -24.00 -8.82
CA GLN B 202 -16.33 -23.65 -7.66
C GLN B 202 -15.90 -22.25 -7.19
N VAL B 203 -16.85 -21.45 -6.72
CA VAL B 203 -16.55 -20.10 -6.24
C VAL B 203 -17.07 -19.90 -4.83
N TYR B 204 -16.22 -19.35 -3.95
CA TYR B 204 -16.65 -19.08 -2.58
C TYR B 204 -16.67 -17.59 -2.31
N ILE B 205 -17.85 -17.02 -2.04
CA ILE B 205 -17.96 -15.66 -1.50
C ILE B 205 -17.72 -15.75 0.02
N ILE B 206 -16.76 -14.97 0.54
CA ILE B 206 -16.45 -14.93 1.99
C ILE B 206 -16.74 -13.54 2.56
N HIS B 207 -17.59 -13.47 3.58
CA HIS B 207 -18.06 -12.20 4.10
C HIS B 207 -18.09 -12.22 5.63
N ARG B 208 -17.80 -11.09 6.25
CA ARG B 208 -17.64 -11.04 7.70
C ARG B 208 -18.94 -11.29 8.46
N ARG B 209 -20.06 -10.88 7.85
CA ARG B 209 -21.37 -11.00 8.50
C ARG B 209 -22.17 -12.17 7.97
N ASN B 210 -23.41 -12.27 8.42
CA ASN B 210 -24.28 -13.35 7.99
C ASN B 210 -25.33 -12.78 7.07
N THR B 211 -25.09 -11.56 6.63
CA THR B 211 -26.03 -10.88 5.78
C THR B 211 -25.27 -10.00 4.79
N PHE B 212 -25.76 -9.94 3.56
CA PHE B 212 -25.12 -9.17 2.48
C PHE B 212 -25.65 -7.74 2.32
N ARG B 213 -24.72 -6.81 2.15
CA ARG B 213 -25.01 -5.40 1.89
C ARG B 213 -25.63 -5.19 0.50
N ALA B 214 -25.45 -6.17 -0.39
CA ALA B 214 -25.86 -6.06 -1.78
C ALA B 214 -27.38 -6.05 -1.92
N SER B 215 -27.83 -5.66 -3.10
CA SER B 215 -29.27 -5.59 -3.39
C SER B 215 -29.89 -6.97 -3.27
N LYS B 216 -31.18 -7.01 -2.96
CA LYS B 216 -31.85 -8.29 -2.75
C LYS B 216 -31.86 -9.11 -4.04
N ILE B 217 -31.89 -8.41 -5.17
CA ILE B 217 -31.79 -9.06 -6.46
C ILE B 217 -30.44 -9.74 -6.66
N MET B 218 -29.38 -8.98 -6.49
CA MET B 218 -28.01 -9.49 -6.67
C MET B 218 -27.71 -10.66 -5.74
N GLN B 219 -28.18 -10.57 -4.50
CA GLN B 219 -27.97 -11.64 -3.53
C GLN B 219 -28.59 -12.91 -4.05
N ALA B 220 -29.72 -12.77 -4.72
CA ALA B 220 -30.49 -13.92 -5.17
C ALA B 220 -29.85 -14.57 -6.40
N ARG B 221 -29.33 -13.75 -7.33
CA ARG B 221 -28.72 -14.28 -8.54
C ARG B 221 -27.40 -15.04 -8.28
N ALA B 222 -26.78 -14.75 -7.13
CA ALA B 222 -25.55 -15.42 -6.70
C ALA B 222 -25.87 -16.60 -5.81
N LEU B 223 -26.73 -16.40 -4.84
CA LEU B 223 -27.21 -17.48 -3.98
C LEU B 223 -27.95 -18.56 -4.79
N SER B 224 -28.37 -18.22 -6.00
CA SER B 224 -29.07 -19.22 -6.78
C SER B 224 -28.06 -19.96 -7.63
N ASN B 225 -26.89 -19.39 -7.78
CA ASN B 225 -25.86 -20.00 -8.60
C ASN B 225 -25.36 -21.34 -8.06
N PRO B 226 -25.34 -22.37 -8.93
CA PRO B 226 -24.95 -23.76 -8.57
C PRO B 226 -23.50 -23.85 -8.13
N LYS B 227 -22.63 -23.10 -8.83
CA LYS B 227 -21.21 -23.14 -8.58
C LYS B 227 -20.72 -22.13 -7.55
N ILE B 228 -21.65 -21.43 -6.90
CA ILE B 228 -21.26 -20.51 -5.82
C ILE B 228 -21.71 -20.97 -4.45
N GLN B 229 -20.79 -20.93 -3.49
CA GLN B 229 -21.10 -21.27 -2.11
C GLN B 229 -20.69 -20.10 -1.25
N VAL B 230 -21.61 -19.59 -0.44
CA VAL B 230 -21.29 -18.50 0.47
C VAL B 230 -20.68 -19.01 1.76
N VAL B 231 -19.71 -18.27 2.27
CA VAL B 231 -19.06 -18.59 3.53
C VAL B 231 -19.28 -17.48 4.55
N TRP B 232 -20.45 -17.47 5.18
CA TRP B 232 -20.84 -16.40 6.11
C TRP B 232 -19.97 -16.30 7.35
N ASP B 233 -20.16 -15.21 8.09
CA ASP B 233 -19.58 -15.04 9.42
C ASP B 233 -18.08 -15.38 9.47
N SER B 234 -17.37 -15.18 8.35
CA SER B 234 -15.97 -15.63 8.25
C SER B 234 -15.00 -14.53 7.82
N GLU B 235 -13.73 -14.74 8.13
CA GLU B 235 -12.64 -13.88 7.67
C GLU B 235 -11.52 -14.74 7.19
N VAL B 236 -10.80 -14.27 6.17
CA VAL B 236 -9.59 -14.97 5.78
C VAL B 236 -8.47 -14.47 6.67
N VAL B 237 -7.73 -15.38 7.29
CA VAL B 237 -6.65 -14.98 8.19
C VAL B 237 -5.27 -15.34 7.66
N GLU B 238 -5.22 -16.09 6.57
CA GLU B 238 -3.95 -16.45 5.97
C GLU B 238 -4.16 -16.97 4.57
N ALA B 239 -3.25 -16.64 3.67
CA ALA B 239 -3.20 -17.31 2.37
C ALA B 239 -1.85 -18.02 2.28
N TYR B 240 -1.86 -19.25 1.79
CA TYR B 240 -0.64 -20.06 1.66
C TYR B 240 -0.50 -20.67 0.26
N GLY B 241 0.73 -21.03 -0.11
CA GLY B 241 0.99 -21.58 -1.42
C GLY B 241 1.38 -23.04 -1.36
N GLY B 242 1.86 -23.58 -2.48
CA GLY B 242 2.27 -24.98 -2.51
C GLY B 242 3.76 -25.13 -2.78
N ALA B 243 4.18 -26.36 -3.05
CA ALA B 243 5.58 -26.66 -3.38
C ALA B 243 6.53 -26.27 -2.21
N GLY B 244 7.73 -25.72 -2.45
CA GLY B 244 8.30 -25.41 -3.74
C GLY B 244 8.02 -23.96 -4.07
N GLY B 245 7.59 -23.20 -3.07
CA GLY B 245 7.28 -21.80 -3.26
C GLY B 245 6.39 -21.56 -4.47
N GLY B 246 5.31 -22.33 -4.55
CA GLY B 246 4.36 -22.19 -5.64
C GLY B 246 3.38 -21.06 -5.43
N PRO B 247 2.41 -20.93 -6.33
CA PRO B 247 1.35 -19.92 -6.28
C PRO B 247 0.30 -20.25 -5.22
N LEU B 248 -0.67 -19.35 -5.04
CA LEU B 248 -1.73 -19.55 -4.07
C LEU B 248 -2.29 -20.97 -4.12
N ALA B 249 -2.40 -21.62 -2.96
CA ALA B 249 -2.92 -22.98 -2.89
C ALA B 249 -4.12 -23.08 -1.95
N GLY B 250 -4.19 -22.22 -0.95
CA GLY B 250 -5.29 -22.26 -0.01
C GLY B 250 -5.39 -21.04 0.88
N VAL B 251 -6.44 -20.96 1.67
CA VAL B 251 -6.62 -19.90 2.64
C VAL B 251 -7.12 -20.49 3.95
N LYS B 252 -6.62 -19.96 5.07
CA LYS B 252 -7.22 -20.29 6.37
C LYS B 252 -8.34 -19.30 6.66
N VAL B 253 -9.53 -19.82 6.87
CA VAL B 253 -10.71 -19.02 7.16
C VAL B 253 -11.09 -19.17 8.61
N LYS B 254 -11.36 -18.05 9.27
CA LYS B 254 -11.79 -18.10 10.65
C LYS B 254 -13.26 -17.74 10.77
N ASN B 255 -14.03 -18.64 11.37
CA ASN B 255 -15.40 -18.33 11.70
C ASN B 255 -15.43 -17.35 12.86
N LEU B 256 -16.24 -16.31 12.76
CA LEU B 256 -16.20 -15.27 13.77
C LEU B 256 -17.22 -15.51 14.86
N VAL B 257 -18.05 -16.53 14.67
CA VAL B 257 -19.00 -16.95 15.69
C VAL B 257 -18.38 -18.03 16.56
N THR B 258 -17.96 -19.11 15.92
CA THR B 258 -17.40 -20.25 16.63
C THR B 258 -15.94 -20.03 17.01
N GLY B 259 -15.21 -19.30 16.17
CA GLY B 259 -13.79 -19.06 16.40
C GLY B 259 -12.92 -20.05 15.64
N GLU B 260 -13.54 -21.10 15.15
CA GLU B 260 -12.85 -22.14 14.43
C GLU B 260 -12.13 -21.64 13.18
N VAL B 261 -10.98 -22.24 12.91
CA VAL B 261 -10.21 -21.93 11.71
C VAL B 261 -10.09 -23.14 10.81
N SER B 262 -10.40 -22.97 9.52
CA SER B 262 -10.41 -24.09 8.59
C SER B 262 -9.57 -23.83 7.33
N ASP B 263 -8.90 -24.86 6.83
CA ASP B 263 -8.23 -24.76 5.53
C ASP B 263 -9.26 -24.83 4.42
N LEU B 264 -9.06 -24.07 3.36
CA LEU B 264 -10.00 -24.04 2.24
C LEU B 264 -9.22 -23.95 0.92
N GLN B 265 -9.12 -25.06 0.21
CA GLN B 265 -8.23 -25.10 -0.95
C GLN B 265 -8.73 -24.18 -2.04
N VAL B 266 -7.80 -23.51 -2.71
CA VAL B 266 -8.22 -22.49 -3.65
C VAL B 266 -7.02 -22.02 -4.48
N SER B 267 -7.25 -21.77 -5.77
CA SER B 267 -6.18 -21.37 -6.68
C SER B 267 -6.20 -19.86 -6.94
N GLY B 268 -7.29 -19.21 -6.51
CA GLY B 268 -7.46 -17.78 -6.75
C GLY B 268 -8.28 -17.19 -5.62
N LEU B 269 -7.95 -15.95 -5.26
CA LEU B 269 -8.68 -15.23 -4.24
C LEU B 269 -8.76 -13.78 -4.73
N PHE B 270 -9.97 -13.23 -4.79
CA PHE B 270 -10.14 -11.90 -5.37
C PHE B 270 -10.84 -10.99 -4.39
N PHE B 271 -10.39 -9.73 -4.35
CA PHE B 271 -10.96 -8.72 -3.47
C PHE B 271 -12.08 -7.98 -4.18
N ALA B 272 -13.28 -8.06 -3.61
CA ALA B 272 -14.44 -7.31 -4.10
C ALA B 272 -15.06 -6.53 -2.94
N ILE B 273 -14.23 -5.74 -2.27
CA ILE B 273 -14.67 -5.01 -1.08
C ILE B 273 -14.71 -3.50 -1.28
N GLY B 274 -14.96 -3.07 -2.53
CA GLY B 274 -15.15 -1.66 -2.83
C GLY B 274 -13.93 -0.86 -3.20
N HIS B 275 -14.11 0.46 -3.30
CA HIS B 275 -13.13 1.41 -3.82
C HIS B 275 -13.07 2.57 -2.84
N GLU B 276 -11.90 3.18 -2.69
CA GLU B 276 -11.77 4.28 -1.75
C GLU B 276 -11.61 5.59 -2.53
N PRO B 277 -12.65 6.42 -2.52
CA PRO B 277 -12.63 7.66 -3.32
C PRO B 277 -11.62 8.57 -2.68
N ALA B 278 -10.86 9.31 -3.49
CA ALA B 278 -9.76 10.06 -2.93
C ALA B 278 -10.26 11.45 -2.50
N THR B 279 -10.96 11.50 -1.37
CA THR B 279 -11.51 12.77 -0.91
C THR B 279 -11.04 13.28 0.46
N LYS B 280 -10.18 12.51 1.13
CA LYS B 280 -9.73 12.98 2.43
C LYS B 280 -9.03 14.34 2.37
N PHE B 281 -8.31 14.62 1.28
CA PHE B 281 -7.52 15.84 1.21
C PHE B 281 -8.41 17.07 1.27
N LEU B 282 -9.66 16.91 0.86
CA LEU B 282 -10.59 18.04 0.79
C LEU B 282 -10.99 18.47 2.19
N ASN B 283 -10.64 17.61 3.14
CA ASN B 283 -10.92 17.83 4.55
C ASN B 283 -12.31 18.41 4.80
N GLY B 284 -13.33 17.79 4.23
CA GLY B 284 -14.71 18.11 4.57
C GLY B 284 -15.37 19.23 3.78
N GLN B 285 -14.58 19.97 3.00
CA GLN B 285 -15.09 21.14 2.29
C GLN B 285 -16.06 20.89 1.13
N LEU B 286 -16.26 19.65 0.74
CA LEU B 286 -17.30 19.33 -0.22
C LEU B 286 -18.20 18.33 0.46
N GLU B 287 -19.47 18.38 0.11
CA GLU B 287 -20.40 17.43 0.67
C GLU B 287 -20.24 16.04 0.04
N LEU B 288 -20.03 15.04 0.89
CA LEU B 288 -19.76 13.68 0.48
C LEU B 288 -20.92 12.80 0.83
N HIS B 289 -21.06 11.70 0.12
CA HIS B 289 -21.96 10.64 0.55
C HIS B 289 -21.22 9.86 1.66
N ALA B 290 -21.89 8.92 2.31
CA ALA B 290 -21.29 8.29 3.49
C ALA B 290 -20.11 7.42 3.11
N ASP B 291 -20.15 6.88 1.89
CA ASP B 291 -19.05 6.05 1.40
C ASP B 291 -17.87 6.90 0.94
N GLY B 292 -17.98 8.22 1.06
CA GLY B 292 -16.86 9.15 0.82
C GLY B 292 -16.80 9.81 -0.54
N TYR B 293 -17.56 9.28 -1.51
CA TYR B 293 -17.72 9.90 -2.84
C TYR B 293 -18.30 11.31 -2.75
N VAL B 294 -17.84 12.17 -3.65
CA VAL B 294 -18.30 13.54 -3.73
C VAL B 294 -19.74 13.59 -4.26
N ALA B 295 -20.63 14.25 -3.52
CA ALA B 295 -22.02 14.30 -3.96
C ALA B 295 -22.13 15.35 -5.03
N THR B 296 -22.50 14.91 -6.23
CA THR B 296 -22.70 15.84 -7.35
C THR B 296 -24.18 15.94 -7.68
N LYS B 297 -24.57 17.05 -8.28
CA LYS B 297 -25.91 17.20 -8.84
C LYS B 297 -26.07 16.22 -10.02
N PRO B 298 -26.93 15.21 -9.86
CA PRO B 298 -26.98 14.10 -10.84
C PRO B 298 -27.07 14.61 -12.25
N GLY B 299 -26.23 14.11 -13.14
CA GLY B 299 -26.27 14.53 -14.53
C GLY B 299 -25.40 15.75 -14.78
N SER B 300 -24.59 16.12 -13.79
CA SER B 300 -23.60 17.19 -13.98
C SER B 300 -22.45 16.95 -13.03
N THR B 301 -21.50 17.87 -13.03
CA THR B 301 -20.33 17.71 -12.20
C THR B 301 -20.37 18.72 -11.05
N HIS B 302 -21.50 19.39 -10.93
CA HIS B 302 -21.68 20.37 -9.86
C HIS B 302 -21.62 19.75 -8.49
N THR B 303 -20.91 20.42 -7.59
CA THR B 303 -20.77 19.98 -6.23
C THR B 303 -21.42 20.99 -5.30
N SER B 304 -21.30 20.73 -4.01
CA SER B 304 -21.91 21.56 -3.00
C SER B 304 -21.35 22.99 -3.00
N VAL B 305 -20.28 23.25 -3.76
CA VAL B 305 -19.69 24.60 -3.77
C VAL B 305 -19.65 25.23 -5.15
N GLU B 306 -20.31 26.37 -5.31
CA GLU B 306 -20.38 26.98 -6.64
C GLU B 306 -18.95 27.19 -7.12
N GLY B 307 -18.68 26.88 -8.38
CA GLY B 307 -17.34 27.06 -8.93
C GLY B 307 -16.40 25.88 -8.76
N VAL B 308 -16.80 24.88 -7.96
CA VAL B 308 -16.01 23.66 -7.78
C VAL B 308 -16.76 22.49 -8.42
N PHE B 309 -16.08 21.71 -9.26
CA PHE B 309 -16.72 20.59 -9.95
C PHE B 309 -16.04 19.25 -9.66
N ALA B 310 -16.80 18.16 -9.77
CA ALA B 310 -16.21 16.84 -9.53
C ALA B 310 -16.51 15.92 -10.70
N ALA B 311 -15.47 15.28 -11.24
CA ALA B 311 -15.61 14.40 -12.38
C ALA B 311 -14.88 13.07 -12.13
N GLY B 312 -15.40 11.99 -12.69
CA GLY B 312 -14.73 10.70 -12.67
C GLY B 312 -15.07 9.83 -11.48
N ASP B 313 -14.21 8.84 -11.23
CA ASP B 313 -14.51 7.86 -10.15
C ASP B 313 -14.60 8.51 -8.75
N VAL B 314 -14.08 9.72 -8.58
CA VAL B 314 -14.15 10.32 -7.25
C VAL B 314 -15.62 10.63 -6.95
N GLN B 315 -16.47 10.57 -7.96
CA GLN B 315 -17.89 10.74 -7.72
C GLN B 315 -18.77 9.76 -8.44
N ASP B 316 -18.27 8.57 -8.72
CA ASP B 316 -19.06 7.56 -9.39
C ASP B 316 -18.61 6.18 -8.95
N LYS B 317 -19.49 5.42 -8.28
CA LYS B 317 -19.11 4.05 -7.88
C LYS B 317 -19.87 3.01 -8.68
N LYS B 318 -20.73 3.51 -9.58
CA LYS B 318 -21.67 2.69 -10.34
C LYS B 318 -21.12 2.18 -11.66
N TYR B 319 -20.56 3.07 -12.46
CA TYR B 319 -19.94 2.71 -13.71
C TYR B 319 -18.44 2.44 -13.58
N ARG B 320 -17.68 3.43 -13.13
CA ARG B 320 -16.28 3.20 -12.85
C ARG B 320 -15.50 2.78 -14.07
N GLN B 321 -15.70 3.45 -15.21
CA GLN B 321 -14.93 3.12 -16.40
C GLN B 321 -14.10 4.30 -16.82
N ALA B 322 -13.02 4.03 -17.52
CA ALA B 322 -12.21 5.08 -18.09
C ALA B 322 -13.10 5.90 -19.02
N ILE B 323 -13.86 5.24 -19.90
CA ILE B 323 -14.67 5.99 -20.85
C ILE B 323 -15.75 6.86 -20.17
N THR B 324 -16.42 6.37 -19.13
CA THR B 324 -17.39 7.23 -18.44
C THR B 324 -16.67 8.40 -17.72
N ALA B 325 -15.54 8.10 -17.09
CA ALA B 325 -14.76 9.10 -16.38
C ALA B 325 -14.27 10.20 -17.34
N ALA B 326 -13.81 9.80 -18.53
CA ALA B 326 -13.44 10.75 -19.60
C ALA B 326 -14.64 11.64 -19.94
N GLY B 327 -15.78 11.04 -20.26
CA GLY B 327 -16.99 11.80 -20.50
C GLY B 327 -17.26 12.84 -19.40
N SER B 328 -17.17 12.41 -18.15
CA SER B 328 -17.45 13.29 -17.02
C SER B 328 -16.42 14.42 -16.91
N GLY B 329 -15.18 14.15 -17.27
CA GLY B 329 -14.16 15.17 -17.21
C GLY B 329 -14.47 16.25 -18.22
N CYS B 330 -14.84 15.84 -19.42
CA CYS B 330 -15.32 16.77 -20.41
C CYS B 330 -16.43 17.66 -19.85
N MET B 331 -17.42 17.05 -19.22
CA MET B 331 -18.52 17.80 -18.57
C MET B 331 -18.03 18.82 -17.55
N ALA B 332 -17.10 18.42 -16.68
CA ALA B 332 -16.53 19.30 -15.70
C ALA B 332 -15.91 20.52 -16.38
N ALA B 333 -15.10 20.33 -17.43
CA ALA B 333 -14.56 21.49 -18.15
C ALA B 333 -15.66 22.43 -18.68
N LEU B 334 -16.61 21.87 -19.43
CA LEU B 334 -17.66 22.72 -19.99
C LEU B 334 -18.54 23.37 -18.89
N ASP B 335 -18.82 22.65 -17.81
CA ASP B 335 -19.58 23.23 -16.72
C ASP B 335 -18.91 24.46 -16.15
N ALA B 336 -17.57 24.38 -16.02
CA ALA B 336 -16.74 25.40 -15.40
C ALA B 336 -16.62 26.57 -16.34
N GLU B 337 -16.43 26.23 -17.61
CA GLU B 337 -16.37 27.23 -18.64
C GLU B 337 -17.68 28.02 -18.64
N HIS B 338 -18.79 27.31 -18.49
CA HIS B 338 -20.12 27.93 -18.46
C HIS B 338 -20.34 28.75 -17.19
N TYR B 339 -19.74 28.31 -16.10
CA TYR B 339 -19.81 29.04 -14.85
C TYR B 339 -18.91 30.26 -14.83
N LEU B 340 -17.81 30.24 -15.58
CA LEU B 340 -16.93 31.40 -15.68
C LEU B 340 -17.65 32.49 -16.43
N GLN B 341 -18.42 32.10 -17.45
CA GLN B 341 -19.09 33.08 -18.29
C GLN B 341 -20.23 33.78 -17.56
N GLU B 342 -20.78 33.13 -16.54
CA GLU B 342 -21.87 33.71 -15.77
C GLU B 342 -21.33 34.38 -14.52
N VAL B 343 -20.09 34.85 -14.58
CA VAL B 343 -19.41 35.34 -13.39
C VAL B 343 -18.24 36.27 -13.73
PA FAD C . 7.73 -6.24 12.77
O1A FAD C . 7.81 -7.62 12.14
O2A FAD C . 8.14 -5.07 11.93
O5B FAD C . 6.20 -6.14 13.23
C5B FAD C . 5.62 -5.03 13.87
C4B FAD C . 4.14 -5.35 13.99
O4B FAD C . 3.43 -4.48 14.87
C3B FAD C . 3.43 -5.31 12.65
O3B FAD C . 2.69 -6.52 12.55
C2B FAD C . 2.36 -4.27 12.81
O2B FAD C . 1.16 -4.77 12.26
C1B FAD C . 2.16 -4.14 14.31
N9A FAD C . 1.83 -2.74 14.56
C8A FAD C . 2.33 -1.70 13.87
N7A FAD C . 1.79 -0.56 14.40
C5A FAD C . 0.94 -0.91 15.40
C6A FAD C . 0.11 -0.19 16.24
N6A FAD C . 0.06 1.16 16.16
N1A FAD C . -0.62 -0.85 17.16
C2A FAD C . -0.56 -2.18 17.23
N3A FAD C . 0.23 -2.91 16.40
C4A FAD C . 0.99 -2.29 15.49
N1 FAD C . 14.41 -11.53 9.33
C2 FAD C . 15.08 -12.64 9.63
O2 FAD C . 15.63 -12.71 10.74
N3 FAD C . 15.17 -13.66 8.76
C4 FAD C . 14.58 -13.60 7.56
O4 FAD C . 14.68 -14.58 6.76
C4X FAD C . 13.87 -12.44 7.24
N5 FAD C . 13.25 -12.32 6.05
C5X FAD C . 12.57 -11.19 5.76
C6 FAD C . 11.95 -11.08 4.53
C7 FAD C . 11.23 -9.93 4.22
C7M FAD C . 10.57 -9.80 2.88
C8 FAD C . 11.17 -8.89 5.12
C8M FAD C . 10.42 -7.64 4.75
C9 FAD C . 11.81 -8.99 6.37
C9A FAD C . 12.50 -10.14 6.69
N10 FAD C . 13.11 -10.27 7.87
C10 FAD C . 13.80 -11.38 8.14
C1' FAD C . 13.07 -9.16 8.81
C2' FAD C . 12.11 -9.29 9.98
O2' FAD C . 10.81 -9.28 9.41
C3' FAD C . 12.23 -8.03 10.84
O3' FAD C . 13.61 -7.70 11.00
C4' FAD C . 11.58 -8.26 12.19
O4' FAD C . 10.27 -8.76 11.91
C5' FAD C . 11.41 -6.98 13.01
O5' FAD C . 10.41 -7.37 13.91
P FAD C . 9.72 -6.38 14.92
O1P FAD C . 10.54 -5.15 15.05
O2P FAD C . 9.34 -7.15 16.16
O3P FAD C . 8.24 -6.17 14.30
CAC FLC D . 15.84 7.09 -5.10
CA FLC D . 15.58 8.54 -4.79
CB FLC D . 15.74 8.72 -3.30
CBC FLC D . 14.47 8.09 -2.61
CG FLC D . 15.75 10.22 -3.11
CGC FLC D . 16.22 10.59 -1.72
OA1 FLC D . 16.87 6.85 -5.75
OA2 FLC D . 15.06 6.27 -4.58
OB1 FLC D . 13.45 7.82 -3.31
OB2 FLC D . 14.56 7.88 -1.38
OG1 FLC D . 17.15 11.42 -1.71
OG2 FLC D . 15.74 9.98 -0.75
OHB FLC D . 16.96 8.13 -2.80
CAC FLC E . 22.19 3.12 5.29
CA FLC E . 20.89 2.87 6.12
CB FLC E . 19.91 1.85 5.46
CBC FLC E . 19.51 2.43 4.13
CG FLC E . 18.65 1.64 6.32
CGC FLC E . 17.52 0.73 5.74
OA1 FLC E . 23.19 2.44 5.60
OA2 FLC E . 22.19 3.99 4.37
OB1 FLC E . 18.78 3.46 4.17
OB2 FLC E . 20.03 1.86 3.13
OG1 FLC E . 17.79 -0.12 4.89
OG2 FLC E . 16.35 0.98 6.15
OHB FLC E . 20.59 0.61 5.22
PA FAD F . -8.17 7.74 -11.62
O1A FAD F . -7.58 6.90 -12.72
O2A FAD F . -8.76 7.15 -10.35
O5B FAD F . -6.90 8.69 -11.33
C5B FAD F . -6.78 9.60 -10.21
C4B FAD F . -5.37 10.17 -10.33
O4B FAD F . -5.20 11.45 -9.70
C3B FAD F . -4.34 9.22 -9.75
O3B FAD F . -3.27 9.11 -10.69
C2B FAD F . -3.82 9.92 -8.53
O2B FAD F . -2.41 9.72 -8.46
C1B FAD F . -4.09 11.38 -8.82
N9A FAD F . -4.40 12.02 -7.54
C8A FAD F . -5.22 11.54 -6.59
N7A FAD F . -5.26 12.42 -5.56
C5A FAD F . -4.44 13.45 -5.89
C6A FAD F . -4.07 14.60 -5.26
N6A FAD F . -4.56 14.88 -4.04
N1A FAD F . -3.24 15.46 -5.89
C2A FAD F . -2.74 15.19 -7.10
N3A FAD F . -3.08 14.07 -7.73
C4A FAD F . -3.92 13.20 -7.15
N1 FAD F . -11.88 0.85 -16.95
C2 FAD F . -12.16 0.70 -18.25
O2 FAD F . -13.01 1.46 -18.76
N3 FAD F . -11.54 -0.26 -18.98
C4 FAD F . -10.65 -1.10 -18.41
O4 FAD F . -10.09 -1.97 -19.11
C4X FAD F . -10.33 -0.93 -17.06
N5 FAD F . -9.41 -1.74 -16.47
C5X FAD F . -9.13 -1.55 -15.15
C6 FAD F . -8.18 -2.34 -14.53
C7 FAD F . -7.91 -2.15 -13.18
C7M FAD F . -6.89 -3.00 -12.46
C8 FAD F . -8.55 -1.15 -12.48
C8M FAD F . -8.24 -0.91 -11.02
C9 FAD F . -9.50 -0.35 -13.12
C9A FAD F . -9.80 -0.54 -14.44
N10 FAD F . -10.68 0.26 -15.03
C10 FAD F . -10.97 0.06 -16.34
C1' FAD F . -11.39 1.34 -14.26
C2' FAD F . -10.80 2.72 -14.59
O2' FAD F . -9.37 2.69 -14.47
C3' FAD F . -11.33 3.86 -13.73
O3' FAD F . -12.75 3.86 -13.74
C4' FAD F . -10.83 5.24 -14.18
O4' FAD F . -9.40 5.30 -14.19
C5' FAD F . -11.35 6.40 -13.30
O5' FAD F . -10.45 7.43 -13.66
P FAD F . -10.43 8.88 -12.99
O1P FAD F . -11.69 9.10 -12.19
O2P FAD F . -10.05 9.84 -14.06
O3P FAD F . -9.22 8.89 -11.96
CAC FLC G . -15.68 -8.40 3.96
CA FLC G . -16.04 -7.71 5.27
CB FLC G . -16.49 -6.27 5.08
CBC FLC G . -15.24 -5.43 4.68
CG FLC G . -17.02 -5.81 6.42
CGC FLC G . -17.72 -4.47 6.33
OA1 FLC G . -16.57 -9.13 3.47
OA2 FLC G . -14.55 -8.18 3.47
OB1 FLC G . -14.11 -5.83 5.09
OB2 FLC G . -15.42 -4.42 3.99
OG1 FLC G . -18.58 -4.26 7.22
OG2 FLC G . -17.43 -3.73 5.36
OHB FLC G . -17.53 -6.12 4.09
CAC FLC H . -22.53 -1.64 -4.25
CA FLC H . -21.49 -0.58 -4.63
CB FLC H . -20.18 -1.27 -4.97
CBC FLC H . -19.68 -2.05 -3.73
CG FLC H . -19.14 -0.22 -5.37
CGC FLC H . -17.76 -0.81 -5.71
OA1 FLC H . -23.48 -1.81 -5.03
OA2 FLC H . -22.31 -2.27 -3.20
OB1 FLC H . -19.25 -1.35 -2.74
OB2 FLC H . -19.75 -3.30 -3.78
OG1 FLC H . -17.70 -2.03 -5.93
OG2 FLC H . -16.80 0.00 -5.75
OHB FLC H . -20.46 -2.14 -6.08
#